data_7XBO
#
_entry.id   7XBO
#
_cell.length_a   60.119
_cell.length_b   108.480
_cell.length_c   153.147
_cell.angle_alpha   90.000
_cell.angle_beta   90.000
_cell.angle_gamma   90.000
#
_symmetry.space_group_name_H-M   'P 21 21 21'
#
loop_
_entity.id
_entity.type
_entity.pdbx_description
1 polymer 'Cytochrome P450 monooxygenase PikC'
2 non-polymer 'PROTOPORPHYRIN IX CONTAINING FE'
3 non-polymer (3R,4S,5S,7R,9E,11R,12R)-12-ETHYL-4-HYDROXY-3,5,7,11-TETRAMETHYLOXACYCLODODEC-9-ENE-2,8-DIONE
4 non-polymer GLYCEROL
5 non-polymer DI(HYDROXYETHYL)ETHER
6 water water
#
_entity_poly.entity_id   1
_entity_poly.type   'polypeptide(L)'
_entity_poly.pdbx_seq_one_letter_code
;MGSSHHHHHHSSGLVPRGSHMRRTQQGTTASPPVLDLGALGQDFAADPYPTYARLRAEGPAHRVRTPEGDEVWLVVGYDR
ARAVLADPRFSKDWRNSTTPLTEAEAALNHNMLESDPPRHTRLRKLVAREFTMRRVELLRPRVQEIVDGLVDAMLAAPDG
RADLMESLAWPLPITVISELLGVPEPDRAAFRVWTDAFVFPDDPAQAQTAMAEMSGYLSRLIDSKRGQDGEDLLSALVRT
SDEDGSRLTSEELLGMA(4AF)ILLVAGHETTVNLIANGMYALLSHPDQLAALRADMTLLDGAVEEMLRYEGPVESATYR
FPVEPVDLDGTVIPAGDTVLVVLADAHRTPERFPDPHRFDIRRDTAGHLAFGHGIHFCIGAPLARLEARIAVRALLERCP
DLALDVSPGELVWYPNPMIRGLKALPIRWRRGREAGRRTGLEHHHHHH
;
_entity_poly.pdbx_strand_id   A,B
#
loop_
_chem_comp.id
_chem_comp.type
_chem_comp.name
_chem_comp.formula
E4H non-polymer (3R,4S,5S,7R,9E,11R,12R)-12-ETHYL-4-HYDROXY-3,5,7,11-TETRAMETHYLOXACYCLODODEC-9-ENE-2,8-DIONE 'C17 H28 O4'
GOL non-polymer GLYCEROL 'C3 H8 O3'
HEM non-polymer 'PROTOPORPHYRIN IX CONTAINING FE' 'C34 H32 Fe N4 O4'
PEG non-polymer DI(HYDROXYETHYL)ETHER 'C4 H10 O3'
#
# COMPACT_ATOMS: atom_id res chain seq x y z
N PRO A 33 6.81 20.60 -24.00
CA PRO A 33 7.93 20.62 -23.06
C PRO A 33 8.55 19.23 -22.92
N VAL A 34 9.40 19.07 -21.91
CA VAL A 34 10.05 17.80 -21.59
C VAL A 34 9.73 17.47 -20.15
N LEU A 35 8.94 16.43 -19.93
CA LEU A 35 8.59 16.02 -18.57
C LEU A 35 9.78 15.31 -17.94
N ASP A 36 10.13 15.72 -16.72
CA ASP A 36 11.25 15.12 -15.98
C ASP A 36 10.71 13.97 -15.15
N LEU A 37 11.10 12.75 -15.51
CA LEU A 37 10.65 11.57 -14.77
C LEU A 37 11.39 11.40 -13.46
N GLY A 38 12.68 11.75 -13.42
CA GLY A 38 13.45 11.64 -12.18
C GLY A 38 12.97 12.56 -11.08
N ALA A 39 12.31 13.66 -11.43
CA ALA A 39 11.77 14.59 -10.44
C ALA A 39 10.55 14.06 -9.71
N LEU A 40 10.12 12.82 -10.01
CA LEU A 40 8.97 12.23 -9.36
C LEU A 40 9.35 11.18 -8.32
N GLY A 41 10.62 10.82 -8.22
CA GLY A 41 11.14 9.95 -7.18
C GLY A 41 10.57 8.54 -7.20
N GLN A 42 10.66 7.89 -6.03
CA GLN A 42 10.18 6.52 -5.89
C GLN A 42 8.68 6.41 -6.13
N ASP A 43 7.93 7.49 -5.93
CA ASP A 43 6.50 7.47 -6.22
C ASP A 43 6.22 7.02 -7.65
N PHE A 44 6.99 7.54 -8.61
CA PHE A 44 6.84 7.10 -9.99
C PHE A 44 7.36 5.69 -10.18
N ALA A 45 8.48 5.35 -9.53
CA ALA A 45 9.02 4.01 -9.67
C ALA A 45 8.08 2.96 -9.10
N ALA A 46 7.39 3.28 -8.01
CA ALA A 46 6.49 2.33 -7.38
C ALA A 46 5.16 2.24 -8.12
N ASP A 47 4.62 3.37 -8.58
CA ASP A 47 3.35 3.41 -9.29
C ASP A 47 3.45 4.40 -10.44
N PRO A 48 3.96 3.96 -11.59
CA PRO A 48 4.10 4.88 -12.74
C PRO A 48 2.86 5.02 -13.58
N TYR A 49 1.84 4.19 -13.35
CA TYR A 49 0.73 4.10 -14.31
C TYR A 49 -0.09 5.38 -14.43
N PRO A 50 -0.47 6.09 -13.36
CA PRO A 50 -1.18 7.36 -13.56
C PRO A 50 -0.38 8.38 -14.36
N THR A 51 0.95 8.37 -14.24
CA THR A 51 1.76 9.26 -15.06
C THR A 51 1.63 8.92 -16.54
N TYR A 52 1.80 7.64 -16.89
CA TYR A 52 1.66 7.22 -18.28
C TYR A 52 0.25 7.49 -18.79
N ALA A 53 -0.77 7.18 -17.99
CA ALA A 53 -2.15 7.38 -18.42
C ALA A 53 -2.43 8.85 -18.67
N ARG A 54 -1.86 9.74 -17.86
CA ARG A 54 -2.01 11.17 -18.09
C ARG A 54 -1.47 11.57 -19.46
N LEU A 55 -0.28 11.06 -19.81
CA LEU A 55 0.30 11.38 -21.11
C LEU A 55 -0.54 10.81 -22.25
N ARG A 56 -1.06 9.59 -22.08
CA ARG A 56 -1.87 8.98 -23.15
C ARG A 56 -3.13 9.80 -23.43
N ALA A 57 -3.68 10.46 -22.40
CA ALA A 57 -4.81 11.33 -22.63
C ALA A 57 -4.47 12.49 -23.55
N GLU A 58 -3.21 12.96 -23.51
CA GLU A 58 -2.82 14.09 -24.32
C GLU A 58 -2.40 13.68 -25.73
N GLY A 59 -1.92 12.46 -25.90
CA GLY A 59 -1.46 12.00 -27.21
C GLY A 59 -0.61 10.76 -27.13
N PRO A 60 -0.13 10.29 -28.29
CA PRO A 60 0.60 9.01 -28.33
C PRO A 60 2.09 9.11 -28.06
N ALA A 61 2.72 10.25 -28.32
CA ALA A 61 4.17 10.38 -28.22
C ALA A 61 4.55 11.60 -27.39
N HIS A 62 5.59 11.46 -26.56
CA HIS A 62 5.93 12.49 -25.60
C HIS A 62 7.44 12.50 -25.32
N ARG A 63 8.03 13.69 -25.34
CA ARG A 63 9.43 13.88 -24.97
C ARG A 63 9.54 13.90 -23.45
N VAL A 64 10.36 13.01 -22.89
CA VAL A 64 10.59 12.95 -21.45
C VAL A 64 12.09 12.89 -21.18
N ARG A 65 12.43 13.05 -19.91
CA ARG A 65 13.80 12.92 -19.43
C ARG A 65 13.82 11.83 -18.37
N THR A 66 14.61 10.78 -18.60
CA THR A 66 14.63 9.65 -17.69
C THR A 66 15.26 10.04 -16.35
N PRO A 67 15.00 9.26 -15.30
CA PRO A 67 15.64 9.53 -14.00
C PRO A 67 17.15 9.58 -14.06
N GLU A 68 17.76 8.98 -15.09
CA GLU A 68 19.21 9.00 -15.27
C GLU A 68 19.67 10.11 -16.20
N GLY A 69 18.74 10.87 -16.77
CA GLY A 69 19.08 12.05 -17.55
C GLY A 69 19.02 11.90 -19.05
N ASP A 70 18.39 10.85 -19.57
CA ASP A 70 18.31 10.62 -21.01
C ASP A 70 17.05 11.25 -21.57
N GLU A 71 17.20 12.04 -22.63
CA GLU A 71 16.06 12.61 -23.34
C GLU A 71 15.56 11.59 -24.36
N VAL A 72 14.33 11.11 -24.17
CA VAL A 72 13.78 10.03 -24.97
C VAL A 72 12.31 10.33 -25.27
N TRP A 73 11.76 9.57 -26.22
CA TRP A 73 10.35 9.61 -26.54
C TRP A 73 9.64 8.43 -25.91
N LEU A 74 8.47 8.68 -25.34
CA LEU A 74 7.59 7.63 -24.82
C LEU A 74 6.40 7.47 -25.76
N VAL A 75 6.14 6.23 -26.17
CA VAL A 75 4.96 5.91 -26.95
C VAL A 75 3.98 5.19 -26.03
N VAL A 76 2.79 5.78 -25.86
CA VAL A 76 1.80 5.30 -24.92
C VAL A 76 0.52 4.96 -25.67
N GLY A 77 -0.34 4.17 -25.02
CA GLY A 77 -1.56 3.72 -25.63
C GLY A 77 -1.39 2.40 -26.37
N TYR A 78 -2.33 1.46 -26.15
CA TYR A 78 -2.12 0.09 -26.63
C TYR A 78 -1.95 0.04 -28.14
N ASP A 79 -2.92 0.55 -28.88
CA ASP A 79 -2.89 0.43 -30.34
C ASP A 79 -1.61 1.01 -30.92
N ARG A 80 -1.22 2.20 -30.45
CA ARG A 80 0.03 2.80 -30.93
C ARG A 80 1.23 1.95 -30.51
N ALA A 81 1.25 1.50 -29.25
CA ALA A 81 2.37 0.70 -28.76
C ALA A 81 2.56 -0.55 -29.61
N ARG A 82 1.48 -1.30 -29.83
CA ARG A 82 1.57 -2.52 -30.63
C ARG A 82 2.05 -2.22 -32.04
N ALA A 83 1.51 -1.17 -32.66
CA ALA A 83 1.89 -0.85 -34.04
C ALA A 83 3.36 -0.46 -34.15
N VAL A 84 3.84 0.34 -33.19
CA VAL A 84 5.23 0.82 -33.27
C VAL A 84 6.20 -0.34 -33.10
N LEU A 85 5.86 -1.32 -32.24
CA LEU A 85 6.74 -2.46 -32.02
C LEU A 85 7.03 -3.23 -33.30
N ALA A 86 6.08 -3.24 -34.23
CA ALA A 86 6.22 -3.97 -35.49
C ALA A 86 6.43 -3.04 -36.69
N ASP A 87 6.54 -1.74 -36.46
CA ASP A 87 6.71 -0.79 -37.55
C ASP A 87 8.16 -0.80 -38.03
N PRO A 88 8.43 -1.20 -39.28
CA PRO A 88 9.83 -1.20 -39.78
C PRO A 88 10.45 0.19 -39.84
N ARG A 89 9.66 1.26 -39.74
CA ARG A 89 10.22 2.60 -39.67
C ARG A 89 10.96 2.83 -38.36
N PHE A 90 10.65 2.07 -37.32
CA PHE A 90 11.30 2.19 -36.02
C PHE A 90 12.36 1.09 -35.93
N SER A 91 13.60 1.46 -36.27
CA SER A 91 14.69 0.51 -36.37
C SER A 91 15.31 0.24 -35.00
N LYS A 92 15.95 -0.92 -34.90
CA LYS A 92 16.71 -1.29 -33.71
C LYS A 92 18.21 -1.30 -33.96
N ASP A 93 18.63 -1.03 -35.19
CA ASP A 93 20.05 -0.92 -35.51
C ASP A 93 20.59 0.42 -35.03
N TRP A 94 21.65 0.40 -34.23
CA TRP A 94 22.19 1.63 -33.67
C TRP A 94 22.87 2.51 -34.70
N ARG A 95 23.13 1.99 -35.91
CA ARG A 95 23.60 2.86 -36.99
C ARG A 95 22.56 3.89 -37.38
N ASN A 96 21.29 3.68 -36.99
CA ASN A 96 20.21 4.61 -37.27
C ASN A 96 19.92 5.54 -36.10
N SER A 97 20.74 5.50 -35.05
CA SER A 97 20.58 6.33 -33.88
C SER A 97 21.62 7.44 -33.87
N THR A 98 21.23 8.62 -33.42
CA THR A 98 22.16 9.71 -33.20
C THR A 98 22.78 9.68 -31.80
N THR A 99 22.45 8.67 -31.00
CA THR A 99 23.07 8.51 -29.69
C THR A 99 24.40 7.80 -29.83
N PRO A 100 25.46 8.31 -29.21
CA PRO A 100 26.77 7.64 -29.32
C PRO A 100 26.86 6.43 -28.41
N LEU A 101 27.63 5.45 -28.86
CA LEU A 101 27.91 4.25 -28.08
C LEU A 101 29.34 4.31 -27.53
N THR A 102 29.49 3.96 -26.26
CA THR A 102 30.83 3.80 -25.72
C THR A 102 31.48 2.56 -26.32
N GLU A 103 32.80 2.44 -26.11
CA GLU A 103 33.52 1.28 -26.61
C GLU A 103 32.96 -0.01 -26.02
N ALA A 104 32.67 -0.01 -24.72
CA ALA A 104 32.12 -1.20 -24.08
C ALA A 104 30.74 -1.52 -24.61
N GLU A 105 29.88 -0.51 -24.76
CA GLU A 105 28.54 -0.75 -25.30
C GLU A 105 28.60 -1.30 -26.72
N ALA A 106 29.47 -0.73 -27.56
CA ALA A 106 29.54 -1.16 -28.96
C ALA A 106 30.02 -2.59 -29.08
N ALA A 107 30.77 -3.10 -28.10
CA ALA A 107 31.34 -4.43 -28.21
C ALA A 107 30.29 -5.52 -28.07
N LEU A 108 29.18 -5.24 -27.40
CA LEU A 108 28.11 -6.20 -27.20
C LEU A 108 26.91 -5.94 -28.09
N ASN A 109 27.04 -5.00 -29.02
CA ASN A 109 25.90 -4.48 -29.78
C ASN A 109 25.52 -5.37 -30.96
N HIS A 110 26.41 -6.24 -31.43
CA HIS A 110 26.15 -7.05 -32.61
C HIS A 110 25.32 -8.28 -32.24
N ASN A 111 24.06 -8.02 -31.90
CA ASN A 111 23.14 -9.07 -31.50
C ASN A 111 21.78 -8.86 -32.17
N MET A 112 20.96 -9.91 -32.15
CA MET A 112 19.71 -9.90 -32.90
C MET A 112 18.74 -8.84 -32.40
N LEU A 113 18.72 -8.57 -31.09
CA LEU A 113 17.78 -7.59 -30.56
C LEU A 113 18.12 -6.17 -31.01
N GLU A 114 19.39 -5.91 -31.29
CA GLU A 114 19.79 -4.58 -31.73
C GLU A 114 20.17 -4.63 -33.21
N SER A 115 19.29 -5.23 -34.01
CA SER A 115 19.50 -5.41 -35.44
C SER A 115 18.17 -5.32 -36.16
N ASP A 116 18.24 -4.98 -37.45
CA ASP A 116 17.14 -5.09 -38.38
C ASP A 116 17.44 -6.20 -39.38
N PRO A 117 16.44 -6.65 -40.15
CA PRO A 117 16.74 -7.52 -41.27
C PRO A 117 17.64 -6.81 -42.27
N PRO A 118 18.50 -7.55 -42.98
CA PRO A 118 18.62 -9.01 -42.96
C PRO A 118 19.45 -9.58 -41.83
N ARG A 119 20.17 -8.74 -41.07
CA ARG A 119 21.03 -9.27 -40.02
C ARG A 119 20.22 -9.94 -38.92
N HIS A 120 19.11 -9.32 -38.50
CA HIS A 120 18.27 -9.95 -37.49
C HIS A 120 17.79 -11.32 -37.96
N THR A 121 17.37 -11.42 -39.22
CA THR A 121 16.90 -12.69 -39.77
C THR A 121 17.99 -13.75 -39.68
N ARG A 122 19.20 -13.43 -40.14
CA ARG A 122 20.28 -14.40 -40.14
C ARG A 122 20.64 -14.85 -38.73
N LEU A 123 20.68 -13.91 -37.78
CA LEU A 123 21.13 -14.24 -36.44
C LEU A 123 20.11 -15.10 -35.70
N ARG A 124 18.83 -14.73 -35.77
CA ARG A 124 17.81 -15.49 -35.05
C ARG A 124 17.68 -16.91 -35.61
N LYS A 125 17.89 -17.08 -36.91
CA LYS A 125 17.82 -18.42 -37.50
C LYS A 125 18.83 -19.37 -36.88
N LEU A 126 19.92 -18.84 -36.33
CA LEU A 126 20.95 -19.70 -35.78
C LEU A 126 20.50 -20.45 -34.53
N VAL A 127 19.54 -19.90 -33.79
CA VAL A 127 19.22 -20.47 -32.47
C VAL A 127 17.72 -20.67 -32.30
N ALA A 128 16.94 -20.45 -33.36
CA ALA A 128 15.49 -20.54 -33.24
C ALA A 128 15.05 -21.94 -32.83
N ARG A 129 15.70 -22.98 -33.36
CA ARG A 129 15.32 -24.35 -33.05
C ARG A 129 15.58 -24.70 -31.59
N GLU A 130 16.44 -23.94 -30.91
CA GLU A 130 16.75 -24.22 -29.51
C GLU A 130 15.63 -23.82 -28.56
N PHE A 131 14.70 -22.96 -28.99
CA PHE A 131 13.76 -22.33 -28.08
C PHE A 131 12.30 -22.56 -28.46
N THR A 132 12.02 -23.51 -29.36
CA THR A 132 10.64 -23.86 -29.65
C THR A 132 9.98 -24.50 -28.44
N MET A 133 8.65 -24.54 -28.46
CA MET A 133 7.91 -25.18 -27.37
C MET A 133 8.31 -26.64 -27.21
N ARG A 134 8.45 -27.36 -28.32
CA ARG A 134 8.81 -28.80 -28.25
C ARG A 134 10.18 -28.96 -27.58
N ARG A 135 11.15 -28.13 -27.99
CA ARG A 135 12.49 -28.29 -27.45
C ARG A 135 12.54 -27.86 -25.98
N VAL A 136 11.84 -26.78 -25.64
CA VAL A 136 11.82 -26.32 -24.25
C VAL A 136 11.11 -27.33 -23.36
N GLU A 137 10.09 -28.02 -23.88
CA GLU A 137 9.38 -29.02 -23.10
C GLU A 137 10.32 -30.12 -22.63
N LEU A 138 11.37 -30.43 -23.40
CA LEU A 138 12.36 -31.41 -22.98
C LEU A 138 13.16 -30.94 -21.77
N LEU A 139 13.10 -29.65 -21.42
CA LEU A 139 13.78 -29.12 -20.26
C LEU A 139 12.93 -29.18 -18.99
N ARG A 140 11.65 -29.55 -19.10
CA ARG A 140 10.77 -29.51 -17.93
C ARG A 140 11.28 -30.36 -16.78
N PRO A 141 11.73 -31.61 -16.97
CA PRO A 141 12.29 -32.35 -15.83
C PRO A 141 13.42 -31.63 -15.12
N ARG A 142 14.35 -31.03 -15.86
CA ARG A 142 15.47 -30.34 -15.22
C ARG A 142 15.00 -29.06 -14.52
N VAL A 143 14.12 -28.29 -15.16
CA VAL A 143 13.60 -27.09 -14.53
C VAL A 143 12.86 -27.45 -13.25
N GLN A 144 12.05 -28.52 -13.30
CA GLN A 144 11.36 -28.98 -12.10
C GLN A 144 12.34 -29.37 -11.00
N GLU A 145 13.45 -30.02 -11.38
CA GLU A 145 14.46 -30.41 -10.41
C GLU A 145 15.09 -29.19 -9.76
N ILE A 146 15.45 -28.19 -10.57
CA ILE A 146 16.05 -26.96 -10.03
C ILE A 146 15.10 -26.29 -9.06
N VAL A 147 13.82 -26.18 -9.45
CA VAL A 147 12.82 -25.54 -8.59
C VAL A 147 12.64 -26.33 -7.31
N ASP A 148 12.56 -27.67 -7.41
CA ASP A 148 12.39 -28.50 -6.24
C ASP A 148 13.51 -28.30 -5.24
N GLY A 149 14.75 -28.27 -5.72
CA GLY A 149 15.88 -28.11 -4.82
C GLY A 149 15.94 -26.73 -4.19
N LEU A 150 15.58 -25.68 -4.95
CA LEU A 150 15.59 -24.34 -4.40
C LEU A 150 14.49 -24.15 -3.36
N VAL A 151 13.31 -24.73 -3.61
CA VAL A 151 12.23 -24.63 -2.63
C VAL A 151 12.58 -25.43 -1.38
N ASP A 152 13.20 -26.60 -1.56
CA ASP A 152 13.68 -27.37 -0.41
C ASP A 152 14.58 -26.53 0.49
N ALA A 153 15.56 -25.84 -0.10
CA ALA A 153 16.46 -25.01 0.69
C ALA A 153 15.73 -23.85 1.33
N MET A 154 14.76 -23.27 0.64
CA MET A 154 13.99 -22.17 1.21
C MET A 154 13.18 -22.64 2.42
N LEU A 155 12.51 -23.78 2.28
CA LEU A 155 11.69 -24.31 3.37
C LEU A 155 12.52 -24.73 4.58
N ALA A 156 13.84 -24.83 4.44
CA ALA A 156 14.70 -25.18 5.57
C ALA A 156 14.86 -24.03 6.56
N ALA A 157 14.41 -22.83 6.22
CA ALA A 157 14.51 -21.71 7.13
C ALA A 157 13.69 -21.99 8.39
N PRO A 158 14.26 -21.80 9.58
CA PRO A 158 13.53 -22.20 10.80
C PRO A 158 12.37 -21.28 11.14
N ASP A 159 12.49 -19.98 10.87
CA ASP A 159 11.40 -19.04 11.14
C ASP A 159 10.32 -19.05 10.07
N GLY A 160 10.46 -19.87 9.04
CA GLY A 160 9.47 -19.90 7.98
C GLY A 160 9.39 -18.62 7.17
N ARG A 161 10.48 -17.86 7.08
CA ARG A 161 10.51 -16.60 6.36
C ARG A 161 11.68 -16.59 5.40
N ALA A 162 11.53 -15.85 4.30
CA ALA A 162 12.58 -15.78 3.30
C ALA A 162 12.33 -14.60 2.38
N ASP A 163 13.39 -14.18 1.69
CA ASP A 163 13.30 -13.25 0.57
C ASP A 163 13.13 -14.08 -0.70
N LEU A 164 11.96 -13.99 -1.33
CA LEU A 164 11.69 -14.80 -2.50
C LEU A 164 12.66 -14.50 -3.63
N MET A 165 13.11 -13.25 -3.76
CA MET A 165 14.08 -12.90 -4.80
C MET A 165 15.35 -13.74 -4.65
N GLU A 166 15.92 -13.76 -3.45
CA GLU A 166 17.17 -14.48 -3.24
C GLU A 166 16.98 -15.99 -3.27
N SER A 167 15.84 -16.48 -2.78
CA SER A 167 15.66 -17.91 -2.62
C SER A 167 15.28 -18.61 -3.91
N LEU A 168 14.62 -17.92 -4.84
CA LEU A 168 14.07 -18.60 -6.00
C LEU A 168 14.11 -17.74 -7.26
N ALA A 169 13.79 -16.45 -7.14
CA ALA A 169 13.60 -15.62 -8.32
C ALA A 169 14.91 -15.37 -9.07
N TRP A 170 16.01 -15.14 -8.34
CA TRP A 170 17.30 -14.99 -8.99
C TRP A 170 17.90 -16.35 -9.39
N PRO A 171 18.06 -17.30 -8.47
CA PRO A 171 18.86 -18.49 -8.83
C PRO A 171 18.25 -19.36 -9.92
N LEU A 172 16.91 -19.38 -10.06
CA LEU A 172 16.30 -20.30 -11.01
C LEU A 172 16.61 -19.94 -12.45
N PRO A 173 16.34 -18.72 -12.94
CA PRO A 173 16.61 -18.43 -14.36
C PRO A 173 18.08 -18.46 -14.71
N ILE A 174 18.94 -17.98 -13.83
CA ILE A 174 20.37 -17.99 -14.13
C ILE A 174 20.91 -19.41 -14.17
N THR A 175 20.34 -20.31 -13.36
CA THR A 175 20.77 -21.70 -13.41
C THR A 175 20.37 -22.35 -14.72
N VAL A 176 19.14 -22.12 -15.18
CA VAL A 176 18.65 -22.75 -16.41
C VAL A 176 19.45 -22.26 -17.61
N ILE A 177 19.58 -20.94 -17.76
CA ILE A 177 20.27 -20.40 -18.93
C ILE A 177 21.75 -20.74 -18.90
N SER A 178 22.34 -20.89 -17.71
CA SER A 178 23.77 -21.21 -17.64
C SER A 178 24.04 -22.63 -18.07
N GLU A 179 23.16 -23.57 -17.72
CA GLU A 179 23.34 -24.95 -18.14
C GLU A 179 23.09 -25.09 -19.64
N LEU A 180 22.11 -24.34 -20.17
CA LEU A 180 21.85 -24.39 -21.60
C LEU A 180 23.01 -23.78 -22.39
N LEU A 181 23.54 -22.66 -21.93
CA LEU A 181 24.61 -21.97 -22.66
C LEU A 181 25.99 -22.49 -22.30
N GLY A 182 26.20 -22.99 -21.08
CA GLY A 182 27.49 -23.53 -20.71
C GLY A 182 28.33 -22.60 -19.88
N VAL A 183 27.70 -21.91 -18.92
CA VAL A 183 28.40 -21.02 -18.00
C VAL A 183 28.70 -21.83 -16.73
N PRO A 184 29.96 -22.05 -16.39
CA PRO A 184 30.27 -22.84 -15.19
C PRO A 184 29.72 -22.19 -13.93
N GLU A 185 29.32 -23.03 -12.98
CA GLU A 185 28.71 -22.57 -11.74
C GLU A 185 29.50 -21.48 -11.02
N PRO A 186 30.81 -21.59 -10.81
CA PRO A 186 31.53 -20.54 -10.07
C PRO A 186 31.55 -19.19 -10.79
N ASP A 187 31.16 -19.14 -12.06
CA ASP A 187 31.15 -17.90 -12.82
C ASP A 187 29.83 -17.15 -12.73
N ARG A 188 28.77 -17.78 -12.22
CA ARG A 188 27.43 -17.21 -12.33
C ARG A 188 27.18 -16.07 -11.36
N ALA A 189 27.84 -16.08 -10.19
CA ALA A 189 27.62 -15.02 -9.21
C ALA A 189 28.06 -13.67 -9.76
N ALA A 190 29.27 -13.61 -10.32
CA ALA A 190 29.75 -12.37 -10.93
C ALA A 190 28.84 -11.92 -12.07
N PHE A 191 28.20 -12.87 -12.75
CA PHE A 191 27.30 -12.51 -13.85
C PHE A 191 26.09 -11.73 -13.34
N ARG A 192 25.57 -12.11 -12.17
CA ARG A 192 24.41 -11.42 -11.63
C ARG A 192 24.77 -10.02 -11.10
N VAL A 193 26.00 -9.86 -10.59
CA VAL A 193 26.46 -8.52 -10.19
C VAL A 193 26.49 -7.60 -11.40
N TRP A 194 26.91 -8.12 -12.55
CA TRP A 194 27.01 -7.29 -13.75
C TRP A 194 25.64 -6.83 -14.23
N THR A 195 24.70 -7.77 -14.40
CA THR A 195 23.36 -7.41 -14.86
C THR A 195 22.66 -6.49 -13.87
N ASP A 196 23.02 -6.58 -12.59
CA ASP A 196 22.50 -5.64 -11.61
C ASP A 196 22.99 -4.23 -11.89
N ALA A 197 24.25 -4.10 -12.32
CA ALA A 197 24.79 -2.80 -12.67
C ALA A 197 24.18 -2.25 -13.96
N PHE A 198 23.67 -3.12 -14.84
CA PHE A 198 23.01 -2.63 -16.04
C PHE A 198 21.70 -1.93 -15.71
N VAL A 199 21.03 -2.34 -14.65
CA VAL A 199 19.68 -1.83 -14.35
C VAL A 199 19.75 -0.69 -13.37
N PHE A 200 20.36 -0.91 -12.19
CA PHE A 200 20.47 0.11 -11.15
C PHE A 200 21.94 0.31 -10.80
N PRO A 201 22.69 1.04 -11.61
CA PRO A 201 24.08 1.34 -11.26
C PRO A 201 24.15 2.43 -10.21
N ASP A 202 25.13 2.31 -9.30
CA ASP A 202 25.35 3.37 -8.32
C ASP A 202 25.79 4.66 -9.00
N ASP A 203 26.41 4.56 -10.16
CA ASP A 203 26.78 5.70 -11.00
C ASP A 203 26.96 5.18 -12.42
N PRO A 204 26.96 6.08 -13.42
CA PRO A 204 27.05 5.59 -14.81
C PRO A 204 28.35 4.84 -15.10
N ALA A 205 29.46 5.20 -14.46
CA ALA A 205 30.71 4.51 -14.71
C ALA A 205 30.65 3.05 -14.26
N GLN A 206 29.81 2.74 -13.26
CA GLN A 206 29.68 1.37 -12.81
C GLN A 206 28.98 0.49 -13.85
N ALA A 207 28.03 1.06 -14.59
CA ALA A 207 27.44 0.30 -15.70
C ALA A 207 28.46 0.05 -16.80
N GLN A 208 29.29 1.04 -17.11
CA GLN A 208 30.32 0.88 -18.12
C GLN A 208 31.33 -0.18 -17.73
N THR A 209 31.77 -0.17 -16.46
CA THR A 209 32.76 -1.14 -16.01
C THR A 209 32.21 -2.55 -16.07
N ALA A 210 30.95 -2.74 -15.71
CA ALA A 210 30.35 -4.08 -15.78
C ALA A 210 30.25 -4.56 -17.22
N MET A 211 29.97 -3.64 -18.15
CA MET A 211 29.89 -4.02 -19.56
C MET A 211 31.25 -4.45 -20.09
N ALA A 212 32.30 -3.70 -19.76
CA ALA A 212 33.64 -4.10 -20.17
C ALA A 212 34.04 -5.43 -19.53
N GLU A 213 33.62 -5.65 -18.29
CA GLU A 213 33.99 -6.88 -17.59
C GLU A 213 33.22 -8.08 -18.14
N MET A 214 31.92 -7.91 -18.41
CA MET A 214 31.16 -9.01 -19.02
C MET A 214 31.68 -9.33 -20.41
N SER A 215 32.02 -8.30 -21.19
CA SER A 215 32.58 -8.53 -22.51
C SER A 215 33.89 -9.32 -22.42
N GLY A 216 34.78 -8.91 -21.52
CA GLY A 216 36.02 -9.64 -21.35
C GLY A 216 35.81 -11.08 -20.92
N TYR A 217 34.90 -11.30 -19.97
CA TYR A 217 34.63 -12.65 -19.50
C TYR A 217 34.06 -13.52 -20.61
N LEU A 218 33.07 -13.00 -21.33
CA LEU A 218 32.40 -13.80 -22.36
C LEU A 218 33.37 -14.20 -23.47
N SER A 219 34.27 -13.29 -23.86
CA SER A 219 35.28 -13.64 -24.86
C SER A 219 36.18 -14.75 -24.35
N ARG A 220 36.51 -14.73 -23.06
CA ARG A 220 37.35 -15.79 -22.49
C ARG A 220 36.59 -17.11 -22.42
N LEU A 221 35.30 -17.05 -22.08
CA LEU A 221 34.49 -18.27 -22.05
C LEU A 221 34.32 -18.85 -23.45
N ILE A 222 34.14 -17.99 -24.45
CA ILE A 222 34.08 -18.45 -25.84
C ILE A 222 35.38 -19.14 -26.21
N ASP A 223 36.51 -18.54 -25.82
CA ASP A 223 37.82 -19.15 -26.08
C ASP A 223 37.92 -20.53 -25.44
N SER A 224 37.39 -20.68 -24.21
CA SER A 224 37.56 -21.92 -23.48
C SER A 224 36.76 -23.07 -24.07
N LYS A 225 35.73 -22.79 -24.88
CA LYS A 225 34.98 -23.84 -25.55
C LYS A 225 35.70 -24.36 -26.79
N ARG A 226 36.59 -23.57 -27.37
CA ARG A 226 37.17 -23.87 -28.67
C ARG A 226 37.98 -25.15 -28.61
N GLY A 227 37.64 -26.11 -29.47
CA GLY A 227 38.33 -27.38 -29.54
C GLY A 227 38.05 -28.34 -28.40
N GLN A 228 37.04 -28.09 -27.58
CA GLN A 228 36.73 -28.94 -26.44
C GLN A 228 35.56 -29.88 -26.70
N ASP A 229 34.92 -29.80 -27.87
CA ASP A 229 33.88 -30.75 -28.29
C ASP A 229 32.68 -30.74 -27.35
N GLY A 230 32.44 -29.63 -26.66
CA GLY A 230 31.25 -29.52 -25.84
C GLY A 230 29.99 -29.52 -26.67
N GLU A 231 28.88 -29.88 -26.03
CA GLU A 231 27.58 -29.95 -26.69
C GLU A 231 26.59 -28.94 -26.16
N ASP A 232 27.04 -28.00 -25.33
CA ASP A 232 26.20 -26.88 -24.92
C ASP A 232 25.98 -25.94 -26.09
N LEU A 233 25.07 -24.98 -25.89
CA LEU A 233 24.72 -24.08 -26.99
C LEU A 233 25.90 -23.19 -27.39
N LEU A 234 26.66 -22.69 -26.41
CA LEU A 234 27.80 -21.83 -26.75
C LEU A 234 28.85 -22.59 -27.54
N SER A 235 29.09 -23.85 -27.17
CA SER A 235 30.06 -24.66 -27.92
C SER A 235 29.64 -24.82 -29.36
N ALA A 236 28.35 -25.04 -29.61
CA ALA A 236 27.86 -25.15 -30.98
C ALA A 236 28.00 -23.82 -31.73
N LEU A 237 27.77 -22.70 -31.03
CA LEU A 237 27.89 -21.40 -31.66
C LEU A 237 29.34 -21.08 -32.01
N VAL A 238 30.28 -21.43 -31.12
CA VAL A 238 31.69 -21.23 -31.43
C VAL A 238 32.08 -22.04 -32.66
N ARG A 239 31.64 -23.29 -32.73
CA ARG A 239 31.89 -24.11 -33.91
C ARG A 239 31.31 -23.47 -35.16
N THR A 240 30.06 -23.02 -35.08
CA THR A 240 29.42 -22.38 -36.23
C THR A 240 30.22 -21.17 -36.71
N SER A 241 30.64 -20.31 -35.78
CA SER A 241 31.42 -19.13 -36.15
C SER A 241 32.77 -19.53 -36.74
N ASP A 242 33.40 -20.55 -36.18
CA ASP A 242 34.74 -20.93 -36.62
C ASP A 242 34.74 -21.48 -38.04
N GLU A 243 33.75 -22.30 -38.39
CA GLU A 243 33.79 -22.90 -39.73
C GLU A 243 33.24 -21.98 -40.81
N ASP A 244 32.60 -20.86 -40.44
CA ASP A 244 32.18 -19.88 -41.44
C ASP A 244 31.96 -18.54 -40.73
N GLY A 245 32.95 -17.65 -40.82
CA GLY A 245 32.86 -16.35 -40.18
C GLY A 245 31.85 -15.41 -40.79
N SER A 246 31.41 -15.66 -42.02
CA SER A 246 30.38 -14.84 -42.64
C SER A 246 28.98 -15.21 -42.16
N ARG A 247 28.80 -16.43 -41.63
CA ARG A 247 27.51 -16.81 -41.08
C ARG A 247 27.34 -16.32 -39.64
N LEU A 248 28.43 -16.26 -38.88
CA LEU A 248 28.40 -15.73 -37.51
C LEU A 248 29.80 -15.20 -37.23
N THR A 249 29.95 -13.87 -37.27
CA THR A 249 31.24 -13.28 -37.00
C THR A 249 31.60 -13.41 -35.52
N SER A 250 32.87 -13.17 -35.21
CA SER A 250 33.32 -13.26 -33.82
C SER A 250 32.67 -12.18 -32.95
N GLU A 251 32.43 -10.99 -33.51
CA GLU A 251 31.67 -9.99 -32.78
C GLU A 251 30.23 -10.46 -32.55
N GLU A 252 29.63 -11.09 -33.55
CA GLU A 252 28.26 -11.58 -33.41
C GLU A 252 28.21 -12.80 -32.49
N LEU A 253 29.25 -13.62 -32.49
CA LEU A 253 29.34 -14.71 -31.52
C LEU A 253 29.34 -14.18 -30.09
N LEU A 254 30.12 -13.13 -29.85
CA LEU A 254 30.09 -12.48 -28.54
C LEU A 254 28.73 -11.86 -28.26
N GLY A 255 28.17 -11.14 -29.24
CA GLY A 255 26.88 -10.53 -29.05
C GLY A 255 25.77 -11.54 -28.82
N MET A 256 25.88 -12.74 -29.40
CA MET A 256 24.86 -13.76 -29.23
C MET A 256 24.89 -14.33 -27.82
N ALA A 257 26.07 -14.64 -27.29
CA ALA A 257 26.21 -15.15 -25.93
C ALA A 257 25.64 -14.14 -24.94
C11 4AF A 258 24.21 -4.99 -21.57
C8 4AF A 258 23.78 -5.54 -22.94
O2 4AF A 258 22.97 -4.94 -23.60
C7 4AF A 258 24.39 -6.84 -23.46
C9 4AF A 258 24.07 -7.28 -24.74
C10 4AF A 258 24.64 -8.46 -25.24
C6 4AF A 258 25.27 -7.56 -22.68
C5 4AF A 258 25.85 -8.75 -23.17
C4 4AF A 258 25.51 -9.20 -24.44
C3 4AF A 258 26.16 -10.52 -25.00
CA 4AF A 258 25.53 -11.79 -24.38
C 4AF A 258 24.01 -11.66 -24.33
O 4AF A 258 23.39 -11.68 -23.21
N 4AF A 258 25.93 -12.88 -25.21
N ILE A 259 23.39 -11.52 -25.50
CA ILE A 259 21.95 -11.26 -25.56
C ILE A 259 21.15 -12.46 -25.03
N LEU A 260 21.64 -13.67 -25.26
CA LEU A 260 20.93 -14.85 -24.78
C LEU A 260 21.00 -14.96 -23.26
N LEU A 261 22.10 -14.52 -22.66
CA LEU A 261 22.24 -14.58 -21.21
C LEU A 261 21.62 -13.38 -20.50
N VAL A 262 21.57 -12.22 -21.16
CA VAL A 262 21.13 -10.99 -20.49
C VAL A 262 19.65 -10.73 -20.73
N ALA A 263 19.16 -10.91 -21.95
CA ALA A 263 17.79 -10.49 -22.28
C ALA A 263 16.76 -11.22 -21.43
N GLY A 264 17.04 -12.45 -21.02
CA GLY A 264 16.10 -13.22 -20.25
C GLY A 264 16.34 -13.29 -18.77
N HIS A 265 17.36 -12.61 -18.26
CA HIS A 265 17.69 -12.72 -16.83
C HIS A 265 16.80 -11.82 -16.00
N GLU A 266 16.99 -10.50 -16.09
CA GLU A 266 16.20 -9.57 -15.29
C GLU A 266 14.71 -9.72 -15.56
N THR A 267 14.35 -10.10 -16.79
CA THR A 267 12.94 -10.25 -17.13
C THR A 267 12.32 -11.44 -16.41
N THR A 268 12.91 -12.62 -16.57
CA THR A 268 12.35 -13.81 -15.93
C THR A 268 12.41 -13.70 -14.41
N VAL A 269 13.51 -13.15 -13.89
CA VAL A 269 13.63 -12.96 -12.44
C VAL A 269 12.47 -12.11 -11.92
N ASN A 270 12.15 -11.03 -12.62
CA ASN A 270 11.13 -10.11 -12.15
C ASN A 270 9.72 -10.56 -12.51
N LEU A 271 9.55 -11.41 -13.53
CA LEU A 271 8.22 -11.98 -13.75
C LEU A 271 7.81 -12.85 -12.58
N ILE A 272 8.73 -13.68 -12.08
CA ILE A 272 8.44 -14.53 -10.93
C ILE A 272 8.14 -13.68 -9.70
N ALA A 273 8.94 -12.64 -9.47
CA ALA A 273 8.75 -11.81 -8.29
C ALA A 273 7.51 -10.94 -8.40
N ASN A 274 7.37 -10.21 -9.52
CA ASN A 274 6.17 -9.40 -9.72
C ASN A 274 4.91 -10.25 -9.68
N GLY A 275 4.97 -11.43 -10.31
CA GLY A 275 3.79 -12.28 -10.36
C GLY A 275 3.41 -12.82 -8.99
N MET A 276 4.40 -13.26 -8.22
CA MET A 276 4.13 -13.73 -6.87
C MET A 276 3.61 -12.59 -5.99
N TYR A 277 4.18 -11.39 -6.14
CA TYR A 277 3.66 -10.23 -5.43
C TYR A 277 2.22 -9.96 -5.82
N ALA A 278 1.90 -10.07 -7.11
CA ALA A 278 0.53 -9.87 -7.56
C ALA A 278 -0.41 -10.87 -6.91
N LEU A 279 0.00 -12.13 -6.84
CA LEU A 279 -0.82 -13.16 -6.20
C LEU A 279 -0.97 -12.89 -4.71
N LEU A 280 0.11 -12.51 -4.03
CA LEU A 280 0.10 -12.34 -2.59
C LEU A 280 -0.59 -11.06 -2.13
N SER A 281 -0.66 -10.05 -3.00
CA SER A 281 -1.35 -8.80 -2.68
C SER A 281 -2.77 -8.75 -3.21
N HIS A 282 -3.24 -9.83 -3.85
CA HIS A 282 -4.63 -9.97 -4.26
C HIS A 282 -5.10 -11.31 -3.72
N PRO A 283 -5.39 -11.38 -2.41
CA PRO A 283 -5.63 -12.68 -1.78
C PRO A 283 -6.80 -13.46 -2.35
N ASP A 284 -7.82 -12.77 -2.88
CA ASP A 284 -8.92 -13.45 -3.54
C ASP A 284 -8.41 -14.27 -4.72
N GLN A 285 -7.46 -13.72 -5.48
CA GLN A 285 -6.95 -14.44 -6.65
C GLN A 285 -6.10 -15.63 -6.23
N LEU A 286 -5.27 -15.46 -5.19
CA LEU A 286 -4.48 -16.58 -4.68
C LEU A 286 -5.38 -17.74 -4.28
N ALA A 287 -6.49 -17.44 -3.59
CA ALA A 287 -7.41 -18.49 -3.17
C ALA A 287 -8.07 -19.15 -4.38
N ALA A 288 -8.46 -18.36 -5.38
CA ALA A 288 -9.04 -18.93 -6.59
C ALA A 288 -8.06 -19.89 -7.27
N LEU A 289 -6.79 -19.50 -7.34
CA LEU A 289 -5.79 -20.37 -7.95
C LEU A 289 -5.54 -21.61 -7.10
N ARG A 290 -5.44 -21.42 -5.78
CA ARG A 290 -5.25 -22.57 -4.88
C ARG A 290 -6.37 -23.59 -5.04
N ALA A 291 -7.62 -23.12 -5.16
CA ALA A 291 -8.75 -24.01 -5.27
C ALA A 291 -8.86 -24.67 -6.64
N ASP A 292 -8.18 -24.14 -7.65
CA ASP A 292 -8.28 -24.68 -9.01
C ASP A 292 -6.95 -24.39 -9.72
N MET A 293 -6.00 -25.32 -9.58
CA MET A 293 -4.67 -25.14 -10.15
C MET A 293 -4.67 -25.21 -11.67
N THR A 294 -5.79 -25.54 -12.31
CA THR A 294 -5.87 -25.47 -13.76
C THR A 294 -5.85 -24.03 -14.26
N LEU A 295 -6.16 -23.07 -13.40
CA LEU A 295 -6.07 -21.65 -13.72
C LEU A 295 -4.63 -21.15 -13.77
N LEU A 296 -3.64 -22.04 -13.56
CA LEU A 296 -2.25 -21.61 -13.45
C LEU A 296 -1.78 -20.88 -14.70
N ASP A 297 -1.96 -21.49 -15.87
CA ASP A 297 -1.48 -20.89 -17.12
C ASP A 297 -2.11 -19.52 -17.34
N GLY A 298 -3.43 -19.42 -17.20
CA GLY A 298 -4.10 -18.14 -17.28
C GLY A 298 -3.66 -17.16 -16.22
N ALA A 299 -3.20 -17.64 -15.06
CA ALA A 299 -2.71 -16.75 -14.02
C ALA A 299 -1.36 -16.15 -14.39
N VAL A 300 -0.47 -16.97 -14.98
CA VAL A 300 0.84 -16.46 -15.40
C VAL A 300 0.67 -15.44 -16.53
N GLU A 301 -0.28 -15.68 -17.43
CA GLU A 301 -0.56 -14.70 -18.48
C GLU A 301 -1.01 -13.37 -17.88
N GLU A 302 -1.84 -13.40 -16.84
CA GLU A 302 -2.29 -12.16 -16.22
C GLU A 302 -1.18 -11.49 -15.42
N MET A 303 -0.28 -12.28 -14.83
CA MET A 303 0.92 -11.69 -14.24
C MET A 303 1.71 -10.91 -15.28
N LEU A 304 1.83 -11.47 -16.48
CA LEU A 304 2.52 -10.76 -17.56
C LEU A 304 1.75 -9.50 -17.95
N ARG A 305 0.43 -9.58 -18.04
CA ARG A 305 -0.38 -8.43 -18.39
C ARG A 305 -0.35 -7.38 -17.28
N TYR A 306 -0.57 -7.80 -16.04
CA TYR A 306 -0.78 -6.86 -14.94
C TYR A 306 0.53 -6.24 -14.46
N GLU A 307 1.58 -7.04 -14.33
CA GLU A 307 2.82 -6.56 -13.74
C GLU A 307 4.02 -7.22 -14.44
N GLY A 308 4.02 -7.18 -15.77
CA GLY A 308 5.14 -7.71 -16.54
C GLY A 308 6.43 -6.98 -16.23
N PRO A 309 7.56 -7.70 -16.30
CA PRO A 309 8.85 -7.08 -15.94
C PRO A 309 9.31 -6.01 -16.91
N VAL A 310 8.85 -6.03 -18.16
CA VAL A 310 9.28 -5.06 -19.16
C VAL A 310 8.28 -3.91 -19.15
N GLU A 311 8.66 -2.82 -18.48
CA GLU A 311 7.82 -1.62 -18.46
C GLU A 311 7.84 -0.92 -19.81
N SER A 312 9.02 -0.80 -20.41
CA SER A 312 9.17 -0.19 -21.73
C SER A 312 10.11 -1.02 -22.57
N ALA A 313 9.79 -1.16 -23.86
CA ALA A 313 10.61 -1.96 -24.76
C ALA A 313 11.96 -1.29 -24.99
N THR A 314 12.89 -2.05 -25.57
CA THR A 314 14.24 -1.54 -25.78
C THR A 314 14.24 -0.46 -26.88
N TYR A 315 15.39 0.21 -27.01
CA TYR A 315 15.47 1.42 -27.82
C TYR A 315 15.08 1.17 -29.27
N ARG A 316 14.29 2.08 -29.82
CA ARG A 316 13.95 2.11 -31.23
C ARG A 316 14.27 3.47 -31.81
N PHE A 317 14.68 3.49 -33.07
CA PHE A 317 15.14 4.70 -33.74
C PHE A 317 14.40 4.85 -35.06
N PRO A 318 13.66 5.93 -35.26
CA PRO A 318 13.03 6.17 -36.57
C PRO A 318 14.08 6.40 -37.65
N VAL A 319 13.98 5.62 -38.74
CA VAL A 319 14.87 5.81 -39.87
C VAL A 319 14.56 7.10 -40.61
N GLU A 320 13.37 7.65 -40.38
CA GLU A 320 12.93 8.90 -40.99
C GLU A 320 12.02 9.59 -39.99
N PRO A 321 11.73 10.87 -40.19
CA PRO A 321 10.73 11.52 -39.33
C PRO A 321 9.39 10.80 -39.42
N VAL A 322 8.83 10.47 -38.26
CA VAL A 322 7.58 9.71 -38.17
C VAL A 322 6.51 10.58 -37.52
N ASP A 323 5.39 10.73 -38.20
CA ASP A 323 4.27 11.53 -37.71
C ASP A 323 3.33 10.64 -36.90
N LEU A 324 3.18 10.96 -35.61
CA LEU A 324 2.26 10.25 -34.71
C LEU A 324 1.23 11.27 -34.22
N ASP A 325 0.11 11.35 -34.93
CA ASP A 325 -1.01 12.22 -34.55
C ASP A 325 -0.57 13.68 -34.40
N GLY A 326 0.14 14.18 -35.42
CA GLY A 326 0.66 15.53 -35.40
C GLY A 326 1.94 15.72 -34.60
N THR A 327 2.34 14.74 -33.82
CA THR A 327 3.63 14.75 -33.15
C THR A 327 4.64 14.03 -34.03
N VAL A 328 5.68 14.74 -34.45
CA VAL A 328 6.68 14.22 -35.36
C VAL A 328 7.94 13.90 -34.56
N ILE A 329 8.31 12.63 -34.53
CA ILE A 329 9.54 12.19 -33.89
C ILE A 329 10.65 12.17 -34.94
N PRO A 330 11.71 12.97 -34.78
CA PRO A 330 12.72 13.06 -35.83
C PRO A 330 13.56 11.80 -35.94
N ALA A 331 14.16 11.63 -37.11
CA ALA A 331 15.01 10.47 -37.37
C ALA A 331 16.16 10.41 -36.38
N GLY A 332 16.47 9.20 -35.93
CA GLY A 332 17.58 8.97 -35.04
C GLY A 332 17.30 9.14 -33.56
N ASP A 333 16.14 9.69 -33.20
CA ASP A 333 15.83 9.87 -31.79
C ASP A 333 15.52 8.52 -31.14
N THR A 334 15.53 8.51 -29.81
CA THR A 334 15.29 7.29 -29.04
C THR A 334 13.82 7.19 -28.66
N VAL A 335 13.20 6.07 -29.00
CA VAL A 335 11.77 5.85 -28.79
C VAL A 335 11.60 4.64 -27.88
N LEU A 336 10.89 4.82 -26.77
CA LEU A 336 10.55 3.74 -25.86
C LEU A 336 9.04 3.47 -25.93
N VAL A 337 8.69 2.25 -26.30
CA VAL A 337 7.30 1.82 -26.31
C VAL A 337 6.95 1.38 -24.88
N VAL A 338 6.04 2.13 -24.25
CA VAL A 338 5.68 1.86 -22.86
C VAL A 338 4.66 0.72 -22.82
N LEU A 339 5.17 -0.50 -22.70
CA LEU A 339 4.29 -1.67 -22.65
C LEU A 339 3.35 -1.61 -21.46
N ALA A 340 3.83 -1.09 -20.32
CA ALA A 340 3.02 -1.07 -19.11
C ALA A 340 1.77 -0.23 -19.30
N ASP A 341 1.85 0.86 -20.07
CA ASP A 341 0.66 1.67 -20.32
C ASP A 341 -0.28 0.99 -21.31
N ALA A 342 0.25 0.24 -22.26
CA ALA A 342 -0.61 -0.51 -23.18
C ALA A 342 -1.47 -1.52 -22.43
N HIS A 343 -0.91 -2.12 -21.38
CA HIS A 343 -1.64 -3.12 -20.60
C HIS A 343 -2.66 -2.50 -19.65
N ARG A 344 -2.65 -1.18 -19.48
CA ARG A 344 -3.65 -0.49 -18.67
C ARG A 344 -4.61 0.33 -19.51
N THR A 345 -4.57 0.18 -20.83
CA THR A 345 -5.50 0.88 -21.69
C THR A 345 -6.88 0.26 -21.56
N PRO A 346 -7.89 1.00 -21.08
CA PRO A 346 -9.17 0.35 -20.75
C PRO A 346 -9.90 -0.20 -21.95
N GLU A 347 -9.77 0.44 -23.13
CA GLU A 347 -10.46 -0.04 -24.31
C GLU A 347 -9.99 -1.43 -24.72
N ARG A 348 -8.77 -1.81 -24.35
CA ARG A 348 -8.21 -3.11 -24.72
C ARG A 348 -8.30 -4.13 -23.60
N PHE A 349 -8.08 -3.72 -22.35
CA PHE A 349 -8.18 -4.60 -21.20
C PHE A 349 -9.14 -3.94 -20.22
N PRO A 350 -10.44 -4.24 -20.33
CA PRO A 350 -11.43 -3.58 -19.48
C PRO A 350 -11.14 -3.80 -18.00
N ASP A 351 -11.46 -2.79 -17.21
CA ASP A 351 -11.13 -2.76 -15.79
C ASP A 351 -9.63 -2.99 -15.62
N PRO A 352 -8.78 -2.10 -16.16
CA PRO A 352 -7.38 -2.46 -16.36
C PRO A 352 -6.61 -2.73 -15.07
N HIS A 353 -6.92 -2.01 -14.01
CA HIS A 353 -6.18 -2.13 -12.76
C HIS A 353 -6.61 -3.30 -11.91
N ARG A 354 -7.49 -4.17 -12.41
CA ARG A 354 -7.92 -5.35 -11.68
C ARG A 354 -7.04 -6.54 -12.09
N PHE A 355 -6.40 -7.16 -11.10
CA PHE A 355 -5.64 -8.38 -11.32
C PHE A 355 -6.61 -9.56 -11.29
N ASP A 356 -6.92 -10.10 -12.47
CA ASP A 356 -7.93 -11.16 -12.61
C ASP A 356 -7.29 -12.30 -13.39
N ILE A 357 -7.01 -13.42 -12.70
CA ILE A 357 -6.36 -14.55 -13.34
C ILE A 357 -7.23 -15.23 -14.39
N ARG A 358 -8.52 -14.93 -14.42
CA ARG A 358 -9.42 -15.46 -15.43
C ARG A 358 -9.66 -14.48 -16.58
N ARG A 359 -8.95 -13.36 -16.60
CA ARG A 359 -9.11 -12.36 -17.64
C ARG A 359 -8.67 -12.92 -18.99
N ASP A 360 -9.33 -12.44 -20.05
CA ASP A 360 -8.86 -12.68 -21.41
C ASP A 360 -7.59 -11.85 -21.62
N THR A 361 -6.43 -12.51 -21.63
CA THR A 361 -5.14 -11.84 -21.72
C THR A 361 -4.59 -11.82 -23.13
N ALA A 362 -5.34 -12.28 -24.11
CA ALA A 362 -4.84 -12.35 -25.48
C ALA A 362 -4.52 -10.96 -26.01
N GLY A 363 -3.36 -10.84 -26.65
CA GLY A 363 -2.93 -9.59 -27.23
C GLY A 363 -2.01 -8.75 -26.37
N HIS A 364 -1.60 -9.24 -25.20
CA HIS A 364 -0.71 -8.45 -24.38
C HIS A 364 0.69 -8.42 -25.00
N LEU A 365 1.45 -7.37 -24.65
CA LEU A 365 2.74 -7.09 -25.27
C LEU A 365 3.90 -7.38 -24.32
N ALA A 366 3.71 -8.26 -23.34
CA ALA A 366 4.75 -8.52 -22.36
C ALA A 366 6.00 -9.13 -23.00
N PHE A 367 5.83 -9.92 -24.06
CA PHE A 367 6.94 -10.48 -24.81
C PHE A 367 7.23 -9.69 -26.07
N GLY A 368 6.70 -8.49 -26.20
CA GLY A 368 6.84 -7.72 -27.41
C GLY A 368 5.83 -8.11 -28.46
N HIS A 369 6.14 -7.74 -29.70
CA HIS A 369 5.29 -8.00 -30.85
C HIS A 369 6.09 -7.71 -32.12
N GLY A 370 5.95 -8.58 -33.11
CA GLY A 370 6.66 -8.40 -34.36
C GLY A 370 7.81 -9.36 -34.52
N ILE A 371 8.82 -8.96 -35.31
CA ILE A 371 9.92 -9.87 -35.60
C ILE A 371 10.84 -10.04 -34.39
N HIS A 372 10.78 -9.12 -33.42
CA HIS A 372 11.59 -9.23 -32.21
C HIS A 372 10.82 -9.86 -31.05
N PHE A 373 9.65 -10.44 -31.31
CA PHE A 373 8.90 -11.15 -30.27
C PHE A 373 9.80 -12.14 -29.56
N CYS A 374 9.72 -12.14 -28.23
CA CYS A 374 10.68 -12.85 -27.39
C CYS A 374 10.92 -14.28 -27.85
N ILE A 375 12.17 -14.58 -28.19
CA ILE A 375 12.54 -15.94 -28.56
C ILE A 375 12.47 -16.89 -27.37
N GLY A 376 12.55 -16.36 -26.15
CA GLY A 376 12.54 -17.16 -24.95
C GLY A 376 11.19 -17.30 -24.27
N ALA A 377 10.10 -16.92 -24.94
CA ALA A 377 8.78 -16.96 -24.30
C ALA A 377 8.39 -18.35 -23.84
N PRO A 378 8.56 -19.43 -24.63
CA PRO A 378 8.25 -20.77 -24.08
C PRO A 378 9.06 -21.12 -22.85
N LEU A 379 10.35 -20.79 -22.84
CA LEU A 379 11.20 -21.08 -21.69
C LEU A 379 10.76 -20.27 -20.47
N ALA A 380 10.49 -18.98 -20.66
CA ALA A 380 10.06 -18.14 -19.54
C ALA A 380 8.75 -18.63 -18.95
N ARG A 381 7.79 -19.00 -19.82
CA ARG A 381 6.51 -19.51 -19.33
C ARG A 381 6.71 -20.82 -18.56
N LEU A 382 7.61 -21.68 -19.03
CA LEU A 382 7.86 -22.94 -18.33
C LEU A 382 8.44 -22.70 -16.94
N GLU A 383 9.43 -21.80 -16.84
CA GLU A 383 10.03 -21.51 -15.54
C GLU A 383 9.02 -20.87 -14.60
N ALA A 384 8.23 -19.91 -15.10
CA ALA A 384 7.27 -19.22 -14.24
C ALA A 384 6.16 -20.15 -13.78
N ARG A 385 5.65 -21.00 -14.68
CA ARG A 385 4.57 -21.91 -14.31
C ARG A 385 5.02 -22.89 -13.24
N ILE A 386 6.19 -23.50 -13.42
CA ILE A 386 6.70 -24.46 -12.44
C ILE A 386 7.00 -23.76 -11.11
N ALA A 387 7.53 -22.54 -11.17
CA ALA A 387 7.88 -21.83 -9.94
C ALA A 387 6.64 -21.47 -9.15
N VAL A 388 5.61 -20.94 -9.82
CA VAL A 388 4.39 -20.55 -9.12
C VAL A 388 3.70 -21.76 -8.51
N ARG A 389 3.59 -22.84 -9.29
CA ARG A 389 2.93 -24.04 -8.80
C ARG A 389 3.65 -24.62 -7.58
N ALA A 390 4.97 -24.57 -7.58
CA ALA A 390 5.72 -25.13 -6.46
C ALA A 390 5.48 -24.34 -5.17
N LEU A 391 5.49 -23.01 -5.26
CA LEU A 391 5.27 -22.19 -4.08
C LEU A 391 3.86 -22.42 -3.51
N LEU A 392 2.86 -22.44 -4.38
CA LEU A 392 1.49 -22.60 -3.91
C LEU A 392 1.25 -23.97 -3.29
N GLU A 393 1.91 -25.01 -3.80
CA GLU A 393 1.69 -26.36 -3.32
C GLU A 393 2.55 -26.72 -2.11
N ARG A 394 3.67 -26.02 -1.90
CA ARG A 394 4.62 -26.40 -0.86
C ARG A 394 4.80 -25.35 0.22
N CYS A 395 4.19 -24.17 0.10
CA CYS A 395 4.23 -23.15 1.13
C CYS A 395 2.84 -22.99 1.71
N PRO A 396 2.49 -23.72 2.76
CA PRO A 396 1.16 -23.57 3.35
C PRO A 396 1.00 -22.20 3.99
N ASP A 397 -0.16 -21.58 3.74
CA ASP A 397 -0.46 -20.24 4.24
C ASP A 397 0.60 -19.24 3.78
N LEU A 398 1.03 -19.37 2.53
CA LEU A 398 1.99 -18.43 1.96
C LEU A 398 1.43 -17.02 2.00
N ALA A 399 2.26 -16.07 2.39
CA ALA A 399 1.79 -14.70 2.58
C ALA A 399 2.93 -13.72 2.38
N LEU A 400 2.57 -12.51 1.96
CA LEU A 400 3.50 -11.40 1.88
C LEU A 400 3.91 -10.99 3.30
N ASP A 401 5.21 -11.00 3.58
CA ASP A 401 5.74 -10.75 4.92
C ASP A 401 6.12 -9.29 5.14
N VAL A 402 5.65 -8.40 4.27
CA VAL A 402 5.84 -6.95 4.49
C VAL A 402 4.59 -6.27 3.93
N SER A 403 4.39 -4.99 4.23
CA SER A 403 3.26 -4.33 3.60
C SER A 403 3.65 -3.85 2.21
N PRO A 404 2.69 -3.83 1.27
CA PRO A 404 3.01 -3.34 -0.08
C PRO A 404 3.66 -1.98 -0.11
N GLY A 405 3.25 -1.08 0.80
CA GLY A 405 3.86 0.24 0.87
C GLY A 405 5.32 0.21 1.25
N GLU A 406 5.78 -0.87 1.88
CA GLU A 406 7.17 -1.00 2.29
C GLU A 406 8.07 -1.54 1.19
N LEU A 407 7.51 -2.10 0.12
CA LEU A 407 8.32 -2.62 -0.97
C LEU A 407 9.03 -1.48 -1.70
N VAL A 408 10.17 -1.79 -2.28
CA VAL A 408 11.00 -0.81 -2.99
C VAL A 408 11.13 -1.26 -4.44
N TRP A 409 10.74 -0.38 -5.36
CA TRP A 409 10.77 -0.67 -6.78
C TRP A 409 11.95 0.02 -7.44
N TYR A 410 12.61 -0.69 -8.34
CA TYR A 410 13.77 -0.13 -9.02
C TYR A 410 13.31 0.92 -10.03
N PRO A 411 14.04 2.04 -10.15
CA PRO A 411 13.56 3.17 -10.96
C PRO A 411 13.90 3.10 -12.44
N ASN A 412 14.49 2.01 -12.93
CA ASN A 412 14.85 1.92 -14.33
C ASN A 412 13.60 2.04 -15.21
N PRO A 413 13.62 2.84 -16.27
CA PRO A 413 12.40 3.03 -17.07
C PRO A 413 12.02 1.83 -17.91
N MET A 414 12.93 0.89 -18.16
CA MET A 414 12.62 -0.30 -18.93
C MET A 414 12.11 -1.45 -18.08
N ILE A 415 12.65 -1.61 -16.86
CA ILE A 415 12.40 -2.78 -16.03
C ILE A 415 11.53 -2.38 -14.86
N ARG A 416 10.47 -3.15 -14.61
CA ARG A 416 9.68 -3.06 -13.39
C ARG A 416 10.06 -4.24 -12.50
N GLY A 417 10.83 -3.95 -11.45
CA GLY A 417 11.33 -5.01 -10.59
C GLY A 417 11.48 -4.53 -9.16
N LEU A 418 11.45 -5.50 -8.24
CA LEU A 418 11.52 -5.22 -6.82
C LEU A 418 12.92 -5.42 -6.28
N LYS A 419 13.25 -4.68 -5.22
CA LYS A 419 14.51 -4.90 -4.52
C LYS A 419 14.49 -6.22 -3.77
N ALA A 420 13.37 -6.54 -3.13
CA ALA A 420 13.22 -7.80 -2.41
C ALA A 420 11.74 -8.13 -2.33
N LEU A 421 11.46 -9.39 -2.00
CA LEU A 421 10.08 -9.87 -1.84
C LEU A 421 10.02 -10.77 -0.61
N PRO A 422 9.89 -10.18 0.58
CA PRO A 422 9.81 -11.00 1.80
C PRO A 422 8.50 -11.78 1.85
N ILE A 423 8.62 -13.07 2.15
CA ILE A 423 7.46 -13.96 2.25
C ILE A 423 7.59 -14.79 3.52
N ARG A 424 6.47 -15.40 3.91
CA ARG A 424 6.41 -16.25 5.08
C ARG A 424 5.42 -17.38 4.81
N TRP A 425 5.45 -18.41 5.65
CA TRP A 425 4.60 -19.58 5.45
C TRP A 425 4.48 -20.36 6.75
N ARG A 426 3.85 -21.52 6.67
CA ARG A 426 3.66 -22.45 7.79
C ARG A 426 2.79 -21.86 8.89
N VAL B 34 10.74 24.69 21.53
CA VAL B 34 9.35 24.40 21.20
C VAL B 34 9.24 23.97 19.75
N LEU B 35 8.87 22.71 19.54
CA LEU B 35 8.73 22.16 18.20
C LEU B 35 7.38 22.53 17.61
N ASP B 36 7.39 23.00 16.36
CA ASP B 36 6.17 23.42 15.67
C ASP B 36 5.68 22.26 14.81
N LEU B 37 4.57 21.64 15.23
CA LEU B 37 3.99 20.56 14.45
C LEU B 37 3.38 21.08 13.15
N GLY B 38 2.90 22.33 13.14
CA GLY B 38 2.35 22.89 11.92
C GLY B 38 3.38 23.08 10.83
N ALA B 39 4.65 23.30 11.20
CA ALA B 39 5.71 23.44 10.21
C ALA B 39 6.06 22.13 9.53
N LEU B 40 5.36 21.03 9.84
CA LEU B 40 5.64 19.74 9.25
C LEU B 40 4.61 19.31 8.21
N GLY B 41 3.45 19.96 8.15
CA GLY B 41 2.52 19.76 7.06
C GLY B 41 1.86 18.38 7.04
N GLN B 42 1.37 18.03 5.86
CA GLN B 42 0.66 16.77 5.68
C GLN B 42 1.54 15.57 5.99
N ASP B 43 2.86 15.70 5.82
CA ASP B 43 3.75 14.60 6.15
C ASP B 43 3.59 14.17 7.61
N PHE B 44 3.42 15.14 8.51
CA PHE B 44 3.19 14.80 9.92
C PHE B 44 1.78 14.25 10.11
N ALA B 45 0.78 14.87 9.49
CA ALA B 45 -0.59 14.38 9.64
C ALA B 45 -0.73 12.96 9.08
N ALA B 46 -0.08 12.67 7.95
CA ALA B 46 -0.15 11.33 7.38
C ALA B 46 0.69 10.34 8.16
N ASP B 47 1.91 10.73 8.55
CA ASP B 47 2.86 9.84 9.23
C ASP B 47 3.47 10.58 10.41
N PRO B 48 2.73 10.69 11.52
CA PRO B 48 3.27 11.38 12.70
C PRO B 48 4.21 10.53 13.53
N TYR B 49 4.22 9.22 13.30
CA TYR B 49 4.91 8.30 14.21
C TYR B 49 6.41 8.54 14.33
N PRO B 50 7.17 8.80 13.26
CA PRO B 50 8.61 9.06 13.46
C PRO B 50 8.90 10.29 14.29
N THR B 51 8.02 11.30 14.25
CA THR B 51 8.21 12.48 15.08
C THR B 51 8.03 12.14 16.56
N TYR B 52 6.95 11.44 16.90
CA TYR B 52 6.74 11.03 18.28
C TYR B 52 7.88 10.13 18.77
N ALA B 53 8.40 9.27 17.89
CA ALA B 53 9.46 8.35 18.30
C ALA B 53 10.74 9.10 18.64
N ARG B 54 11.10 10.09 17.83
CA ARG B 54 12.28 10.91 18.13
C ARG B 54 12.11 11.61 19.48
N LEU B 55 10.92 12.19 19.72
CA LEU B 55 10.67 12.86 20.99
C LEU B 55 10.75 11.88 22.15
N ARG B 56 10.22 10.67 21.96
CA ARG B 56 10.30 9.65 23.01
C ARG B 56 11.74 9.28 23.33
N ALA B 57 12.63 9.34 22.33
CA ALA B 57 14.03 9.03 22.55
C ALA B 57 14.71 10.01 23.49
N GLU B 58 14.19 11.23 23.60
CA GLU B 58 14.81 12.26 24.42
C GLU B 58 14.19 12.41 25.80
N GLY B 59 12.96 11.94 26.00
CA GLY B 59 12.30 12.07 27.27
C GLY B 59 10.80 11.89 27.17
N PRO B 60 10.11 11.94 28.31
CA PRO B 60 8.67 11.63 28.32
C PRO B 60 7.76 12.78 27.98
N ALA B 61 8.21 14.03 28.10
CA ALA B 61 7.34 15.18 27.94
C ALA B 61 8.04 16.26 27.12
N HIS B 62 7.28 16.90 26.23
CA HIS B 62 7.85 17.86 25.29
C HIS B 62 6.84 18.96 24.97
N ARG B 63 7.30 20.21 25.00
CA ARG B 63 6.46 21.35 24.68
C ARG B 63 6.43 21.54 23.17
N VAL B 64 5.23 21.55 22.58
CA VAL B 64 5.05 21.69 21.15
C VAL B 64 3.99 22.75 20.87
N ARG B 65 3.92 23.11 19.59
CA ARG B 65 2.87 24.04 19.11
C ARG B 65 2.02 23.25 18.11
N THR B 66 0.73 23.13 18.38
CA THR B 66 -0.16 22.38 17.52
C THR B 66 -0.27 23.07 16.16
N PRO B 67 -0.69 22.33 15.13
CA PRO B 67 -0.93 22.98 13.83
C PRO B 67 -1.90 24.14 13.89
N GLU B 68 -2.73 24.22 14.94
CA GLU B 68 -3.70 25.28 15.12
C GLU B 68 -3.17 26.46 15.90
N GLY B 69 -1.97 26.36 16.46
CA GLY B 69 -1.34 27.45 17.16
C GLY B 69 -1.38 27.39 18.67
N ASP B 70 -1.72 26.25 19.25
CA ASP B 70 -1.80 26.10 20.70
C ASP B 70 -0.51 25.51 21.25
N GLU B 71 -0.05 26.05 22.37
CA GLU B 71 1.11 25.52 23.08
C GLU B 71 0.63 24.44 24.04
N VAL B 72 1.10 23.20 23.83
CA VAL B 72 0.71 22.07 24.67
C VAL B 72 1.94 21.22 24.96
N TRP B 73 1.81 20.35 25.95
CA TRP B 73 2.80 19.33 26.24
C TRP B 73 2.35 18.00 25.64
N LEU B 74 3.29 17.26 25.06
CA LEU B 74 3.06 15.91 24.60
C LEU B 74 3.72 14.92 25.54
N VAL B 75 2.96 13.94 26.01
CA VAL B 75 3.49 12.83 26.79
C VAL B 75 3.61 11.63 25.88
N VAL B 76 4.84 11.13 25.73
CA VAL B 76 5.14 10.04 24.80
C VAL B 76 5.72 8.87 25.56
N GLY B 77 5.69 7.70 24.92
CA GLY B 77 6.15 6.48 25.55
C GLY B 77 5.03 5.76 26.29
N TYR B 78 4.94 4.44 26.09
CA TYR B 78 3.79 3.70 26.60
C TYR B 78 3.66 3.83 28.12
N ASP B 79 4.72 3.47 28.85
CA ASP B 79 4.64 3.45 30.31
C ASP B 79 4.24 4.80 30.87
N ARG B 80 4.85 5.87 30.36
CA ARG B 80 4.48 7.21 30.83
C ARG B 80 3.06 7.56 30.40
N ALA B 81 2.68 7.21 29.18
CA ALA B 81 1.33 7.51 28.69
C ALA B 81 0.27 6.83 29.55
N ARG B 82 0.45 5.53 29.81
CA ARG B 82 -0.53 4.80 30.61
C ARG B 82 -0.65 5.39 32.01
N ALA B 83 0.47 5.78 32.61
CA ALA B 83 0.43 6.31 33.98
C ALA B 83 -0.24 7.67 34.03
N VAL B 84 0.07 8.55 33.09
CA VAL B 84 -0.48 9.90 33.11
C VAL B 84 -1.99 9.88 32.91
N LEU B 85 -2.47 8.97 32.05
CA LEU B 85 -3.91 8.87 31.79
C LEU B 85 -4.70 8.65 33.07
N ALA B 86 -4.13 7.89 34.01
CA ALA B 86 -4.82 7.54 35.25
C ALA B 86 -4.31 8.33 36.45
N ASP B 87 -3.45 9.32 36.22
CA ASP B 87 -2.78 10.02 37.31
C ASP B 87 -3.66 11.18 37.79
N PRO B 88 -4.17 11.15 39.03
CA PRO B 88 -5.02 12.26 39.50
C PRO B 88 -4.29 13.58 39.64
N ARG B 89 -2.96 13.59 39.57
CA ARG B 89 -2.25 14.86 39.53
C ARG B 89 -2.59 15.64 38.26
N PHE B 90 -2.97 14.94 37.20
CA PHE B 90 -3.39 15.57 35.95
C PHE B 90 -4.92 15.61 35.94
N SER B 91 -5.47 16.82 36.09
CA SER B 91 -6.91 17.00 36.17
C SER B 91 -7.51 17.20 34.78
N LYS B 92 -8.81 16.93 34.69
CA LYS B 92 -9.57 17.17 33.47
C LYS B 92 -10.58 18.30 33.65
N ASP B 93 -10.63 18.90 34.83
CA ASP B 93 -11.50 20.03 35.12
C ASP B 93 -10.81 21.31 34.67
N TRP B 94 -11.49 22.09 33.81
CA TRP B 94 -10.88 23.31 33.28
C TRP B 94 -10.65 24.37 34.34
N ARG B 95 -11.23 24.23 35.54
CA ARG B 95 -10.90 25.13 36.63
C ARG B 95 -9.42 25.03 37.01
N ASN B 96 -8.75 23.96 36.61
CA ASN B 96 -7.32 23.77 36.85
C ASN B 96 -6.47 24.12 35.63
N SER B 97 -7.07 24.64 34.57
CA SER B 97 -6.35 25.12 33.41
C SER B 97 -6.19 26.63 33.49
N THR B 98 -5.03 27.12 33.05
CA THR B 98 -4.83 28.56 32.94
C THR B 98 -5.40 29.13 31.65
N THR B 99 -5.93 28.29 30.77
CA THR B 99 -6.58 28.75 29.55
C THR B 99 -8.07 28.92 29.81
N PRO B 100 -8.62 30.12 29.61
CA PRO B 100 -10.06 30.31 29.85
C PRO B 100 -10.90 29.74 28.73
N LEU B 101 -12.11 29.31 29.09
CA LEU B 101 -13.08 28.80 28.14
C LEU B 101 -13.88 29.95 27.54
N THR B 102 -14.23 29.81 26.26
CA THR B 102 -15.15 30.77 25.66
C THR B 102 -16.57 30.51 26.17
N GLU B 103 -17.48 31.42 25.81
CA GLU B 103 -18.87 31.26 26.21
C GLU B 103 -19.48 30.00 25.61
N ALA B 104 -19.26 29.79 24.31
CA ALA B 104 -19.79 28.59 23.66
C ALA B 104 -19.18 27.33 24.25
N GLU B 105 -17.87 27.36 24.55
CA GLU B 105 -17.21 26.20 25.13
C GLU B 105 -17.75 25.90 26.52
N ALA B 106 -17.93 26.94 27.34
CA ALA B 106 -18.35 26.73 28.72
C ALA B 106 -19.75 26.15 28.81
N ALA B 107 -20.61 26.44 27.84
CA ALA B 107 -21.98 25.92 27.88
C ALA B 107 -22.02 24.40 27.77
N LEU B 108 -21.01 23.81 27.15
CA LEU B 108 -20.94 22.36 26.96
C LEU B 108 -19.94 21.68 27.90
N ASN B 109 -19.33 22.44 28.81
CA ASN B 109 -18.19 21.96 29.58
C ASN B 109 -18.58 21.08 30.77
N HIS B 110 -19.87 21.05 31.14
CA HIS B 110 -20.29 20.33 32.34
C HIS B 110 -20.63 18.87 32.01
N ASN B 111 -19.59 18.13 31.65
CA ASN B 111 -19.73 16.74 31.25
C ASN B 111 -18.65 15.90 31.94
N MET B 112 -18.86 14.58 31.95
CA MET B 112 -18.02 13.70 32.75
C MET B 112 -16.58 13.68 32.26
N LEU B 113 -16.35 13.79 30.95
CA LEU B 113 -14.98 13.75 30.44
C LEU B 113 -14.17 14.97 30.85
N GLU B 114 -14.83 16.09 31.15
CA GLU B 114 -14.12 17.30 31.52
C GLU B 114 -14.40 17.63 32.99
N SER B 115 -14.28 16.63 33.85
CA SER B 115 -14.48 16.81 35.28
C SER B 115 -13.66 15.74 36.03
N ASP B 116 -13.40 16.02 37.29
CA ASP B 116 -12.75 15.11 38.21
C ASP B 116 -13.75 14.63 39.26
N PRO B 117 -13.40 13.58 40.02
CA PRO B 117 -14.22 13.24 41.17
C PRO B 117 -14.29 14.41 42.14
N PRO B 118 -15.40 14.58 42.84
CA PRO B 118 -16.57 13.67 42.85
C PRO B 118 -17.58 13.89 41.73
N ARG B 119 -17.47 15.01 40.98
CA ARG B 119 -18.47 15.28 39.95
C ARG B 119 -18.44 14.22 38.86
N HIS B 120 -17.25 13.79 38.45
CA HIS B 120 -17.16 12.71 37.46
C HIS B 120 -17.83 11.44 37.99
N THR B 121 -17.62 11.13 39.27
CA THR B 121 -18.25 9.96 39.88
C THR B 121 -19.77 10.06 39.77
N ARG B 122 -20.33 11.21 40.13
CA ARG B 122 -21.77 11.39 40.12
C ARG B 122 -22.34 11.31 38.70
N LEU B 123 -21.69 11.98 37.74
CA LEU B 123 -22.23 12.04 36.39
C LEU B 123 -22.19 10.68 35.70
N ARG B 124 -21.04 9.98 35.81
CA ARG B 124 -20.92 8.68 35.14
C ARG B 124 -21.89 7.66 35.74
N LYS B 125 -22.17 7.75 37.04
CA LYS B 125 -23.09 6.81 37.67
C LYS B 125 -24.48 6.87 37.04
N LEU B 126 -24.86 8.01 36.46
CA LEU B 126 -26.20 8.15 35.93
C LEU B 126 -26.43 7.31 34.69
N VAL B 127 -25.37 7.00 33.94
CA VAL B 127 -25.50 6.34 32.64
C VAL B 127 -24.69 5.07 32.53
N ALA B 128 -23.98 4.66 33.58
CA ALA B 128 -23.09 3.50 33.48
C ALA B 128 -23.85 2.23 33.12
N ARG B 129 -25.05 2.05 33.69
CA ARG B 129 -25.83 0.85 33.42
C ARG B 129 -26.33 0.77 31.99
N GLU B 130 -26.35 1.90 31.26
CA GLU B 130 -26.81 1.89 29.89
C GLU B 130 -25.79 1.30 28.93
N PHE B 131 -24.50 1.29 29.32
CA PHE B 131 -23.42 0.97 28.39
C PHE B 131 -22.62 -0.25 28.83
N THR B 132 -23.16 -1.06 29.71
CA THR B 132 -22.49 -2.31 30.07
C THR B 132 -22.48 -3.26 28.88
N MET B 133 -21.58 -4.23 28.92
CA MET B 133 -21.52 -5.26 27.86
C MET B 133 -22.87 -5.97 27.74
N ARG B 134 -23.47 -6.34 28.87
CA ARG B 134 -24.72 -7.08 28.83
C ARG B 134 -25.85 -6.26 28.21
N ARG B 135 -25.92 -4.98 28.54
CA ARG B 135 -26.96 -4.13 27.97
C ARG B 135 -26.70 -3.83 26.51
N VAL B 136 -25.43 -3.64 26.13
CA VAL B 136 -25.09 -3.34 24.76
C VAL B 136 -25.41 -4.52 23.84
N GLU B 137 -25.23 -5.74 24.35
CA GLU B 137 -25.51 -6.93 23.54
C GLU B 137 -26.97 -7.00 23.11
N LEU B 138 -27.88 -6.42 23.91
CA LEU B 138 -29.28 -6.36 23.52
C LEU B 138 -29.50 -5.48 22.29
N LEU B 139 -28.53 -4.64 21.94
CA LEU B 139 -28.60 -3.81 20.74
C LEU B 139 -28.08 -4.51 19.50
N ARG B 140 -27.47 -5.68 19.63
CA ARG B 140 -26.87 -6.37 18.49
C ARG B 140 -27.84 -6.59 17.33
N PRO B 141 -29.07 -7.11 17.52
CA PRO B 141 -29.96 -7.27 16.36
C PRO B 141 -30.22 -5.97 15.62
N ARG B 142 -30.42 -4.87 16.34
CA ARG B 142 -30.64 -3.58 15.70
C ARG B 142 -29.38 -3.08 15.00
N VAL B 143 -28.22 -3.26 15.64
CA VAL B 143 -26.96 -2.87 15.00
C VAL B 143 -26.73 -3.71 13.75
N GLN B 144 -27.01 -5.01 13.83
CA GLN B 144 -26.92 -5.85 12.64
C GLN B 144 -27.89 -5.39 11.57
N GLU B 145 -29.10 -5.00 11.96
CA GLU B 145 -30.09 -4.53 11.00
C GLU B 145 -29.63 -3.25 10.32
N ILE B 146 -29.06 -2.32 11.09
CA ILE B 146 -28.57 -1.07 10.51
C ILE B 146 -27.42 -1.36 9.54
N VAL B 147 -26.49 -2.22 9.96
CA VAL B 147 -25.35 -2.54 9.10
C VAL B 147 -25.80 -3.25 7.85
N ASP B 148 -26.72 -4.22 7.98
CA ASP B 148 -27.24 -4.94 6.82
C ASP B 148 -27.83 -3.98 5.80
N GLY B 149 -28.67 -3.06 6.24
CA GLY B 149 -29.30 -2.13 5.32
C GLY B 149 -28.30 -1.20 4.66
N LEU B 150 -27.30 -0.74 5.41
CA LEU B 150 -26.32 0.17 4.85
C LEU B 150 -25.46 -0.52 3.79
N VAL B 151 -25.07 -1.77 4.04
CA VAL B 151 -24.30 -2.51 3.04
C VAL B 151 -25.19 -2.88 1.85
N ASP B 152 -26.48 -3.09 2.08
CA ASP B 152 -27.41 -3.30 0.98
C ASP B 152 -27.38 -2.12 0.01
N ALA B 153 -27.53 -0.91 0.55
CA ALA B 153 -27.48 0.29 -0.30
C ALA B 153 -26.13 0.43 -0.97
N MET B 154 -25.05 0.14 -0.26
CA MET B 154 -23.71 0.22 -0.85
C MET B 154 -23.55 -0.77 -1.98
N LEU B 155 -24.01 -2.01 -1.78
CA LEU B 155 -23.84 -3.04 -2.79
C LEU B 155 -24.64 -2.77 -4.05
N ALA B 156 -25.61 -1.86 -4.00
CA ALA B 156 -26.46 -1.57 -5.14
C ALA B 156 -25.80 -0.66 -6.17
N ALA B 157 -24.63 -0.10 -5.86
CA ALA B 157 -23.92 0.71 -6.83
C ALA B 157 -23.52 -0.15 -8.02
N PRO B 158 -23.73 0.31 -9.26
CA PRO B 158 -23.48 -0.58 -10.40
C PRO B 158 -22.01 -0.80 -10.69
N ASP B 159 -21.17 0.22 -10.54
CA ASP B 159 -19.75 0.11 -10.81
C ASP B 159 -18.98 -0.59 -9.70
N GLY B 160 -19.66 -1.05 -8.65
CA GLY B 160 -18.98 -1.70 -7.55
C GLY B 160 -18.00 -0.81 -6.82
N ARG B 161 -18.29 0.49 -6.76
CA ARG B 161 -17.42 1.45 -6.10
C ARG B 161 -18.21 2.25 -5.08
N ALA B 162 -17.53 2.74 -4.06
CA ALA B 162 -18.17 3.51 -3.00
C ALA B 162 -17.10 4.17 -2.15
N ASP B 163 -17.50 5.25 -1.46
CA ASP B 163 -16.73 5.80 -0.36
C ASP B 163 -17.22 5.14 0.92
N LEU B 164 -16.34 4.35 1.56
CA LEU B 164 -16.71 3.67 2.79
C LEU B 164 -17.13 4.66 3.87
N MET B 165 -16.54 5.86 3.86
CA MET B 165 -16.90 6.87 4.85
C MET B 165 -18.36 7.26 4.73
N GLU B 166 -18.78 7.66 3.53
CA GLU B 166 -20.16 8.08 3.31
C GLU B 166 -21.13 6.90 3.38
N SER B 167 -20.69 5.71 2.98
CA SER B 167 -21.61 4.58 2.84
C SER B 167 -21.83 3.84 4.15
N LEU B 168 -20.84 3.82 5.05
CA LEU B 168 -20.97 2.99 6.25
C LEU B 168 -20.38 3.64 7.49
N ALA B 169 -19.20 4.24 7.37
CA ALA B 169 -18.47 4.71 8.55
C ALA B 169 -19.19 5.88 9.23
N TRP B 170 -19.71 6.85 8.44
CA TRP B 170 -20.51 7.91 9.04
C TRP B 170 -21.87 7.41 9.48
N PRO B 171 -22.70 6.80 8.62
CA PRO B 171 -24.11 6.59 8.99
C PRO B 171 -24.31 5.60 10.12
N LEU B 172 -23.41 4.63 10.32
CA LEU B 172 -23.67 3.61 11.33
C LEU B 172 -23.63 4.17 12.75
N PRO B 173 -22.56 4.81 13.22
CA PRO B 173 -22.54 5.27 14.61
C PRO B 173 -23.59 6.34 14.91
N ILE B 174 -23.78 7.29 14.00
CA ILE B 174 -24.76 8.35 14.25
C ILE B 174 -26.16 7.77 14.32
N THR B 175 -26.43 6.69 13.58
CA THR B 175 -27.76 6.07 13.66
C THR B 175 -27.95 5.35 14.98
N VAL B 176 -26.93 4.63 15.45
CA VAL B 176 -27.05 3.86 16.69
C VAL B 176 -27.25 4.80 17.87
N ILE B 177 -26.39 5.83 18.00
CA ILE B 177 -26.44 6.69 19.16
C ILE B 177 -27.66 7.61 19.12
N SER B 178 -28.09 8.03 17.93
CA SER B 178 -29.27 8.88 17.84
C SER B 178 -30.52 8.13 18.29
N GLU B 179 -30.61 6.84 17.96
CA GLU B 179 -31.75 6.06 18.43
C GLU B 179 -31.66 5.82 19.93
N LEU B 180 -30.46 5.64 20.46
CA LEU B 180 -30.29 5.47 21.90
C LEU B 180 -30.68 6.74 22.64
N LEU B 181 -30.18 7.89 22.18
CA LEU B 181 -30.44 9.14 22.89
C LEU B 181 -31.79 9.74 22.51
N GLY B 182 -32.30 9.44 21.32
CA GLY B 182 -33.58 9.98 20.92
C GLY B 182 -33.46 11.24 20.09
N VAL B 183 -32.57 11.22 19.10
CA VAL B 183 -32.37 12.33 18.19
C VAL B 183 -33.17 12.04 16.92
N PRO B 184 -34.18 12.86 16.59
CA PRO B 184 -34.98 12.57 15.39
C PRO B 184 -34.13 12.52 14.14
N GLU B 185 -34.50 11.61 13.24
CA GLU B 185 -33.76 11.40 11.98
C GLU B 185 -33.51 12.69 11.20
N PRO B 186 -34.48 13.59 11.00
CA PRO B 186 -34.19 14.79 10.19
C PRO B 186 -33.21 15.75 10.83
N ASP B 187 -32.84 15.57 12.09
CA ASP B 187 -31.88 16.43 12.76
C ASP B 187 -30.46 15.90 12.69
N ARG B 188 -30.26 14.67 12.20
CA ARG B 188 -28.98 14.00 12.34
C ARG B 188 -27.93 14.53 11.37
N ALA B 189 -28.34 14.97 10.18
CA ALA B 189 -27.35 15.47 9.21
C ALA B 189 -26.66 16.73 9.73
N ALA B 190 -27.42 17.62 10.37
CA ALA B 190 -26.82 18.82 10.95
C ALA B 190 -25.81 18.49 12.04
N PHE B 191 -25.89 17.29 12.61
CA PHE B 191 -24.90 16.86 13.64
C PHE B 191 -23.53 16.63 12.99
N ARG B 192 -23.51 15.93 11.86
CA ARG B 192 -22.23 15.65 11.20
C ARG B 192 -21.52 16.93 10.80
N VAL B 193 -22.28 17.95 10.39
CA VAL B 193 -21.68 19.24 10.04
C VAL B 193 -21.00 19.85 11.26
N TRP B 194 -21.68 19.84 12.40
CA TRP B 194 -21.09 20.40 13.62
C TRP B 194 -19.86 19.63 14.06
N THR B 195 -19.91 18.30 13.97
CA THR B 195 -18.79 17.49 14.39
C THR B 195 -17.59 17.70 13.47
N ASP B 196 -17.83 17.80 12.16
CA ASP B 196 -16.75 18.13 11.23
C ASP B 196 -16.12 19.48 11.58
N ALA B 197 -16.94 20.43 12.06
CA ALA B 197 -16.40 21.72 12.44
C ALA B 197 -15.56 21.62 13.71
N PHE B 198 -15.85 20.65 14.57
CA PHE B 198 -15.05 20.49 15.79
C PHE B 198 -13.66 19.96 15.48
N VAL B 199 -13.51 19.12 14.45
CA VAL B 199 -12.26 18.43 14.19
C VAL B 199 -11.44 19.12 13.11
N PHE B 200 -12.06 19.57 12.02
CA PHE B 200 -11.37 20.25 10.93
C PHE B 200 -12.12 21.52 10.56
N PRO B 201 -12.04 22.55 11.40
CA PRO B 201 -12.67 23.82 11.06
C PRO B 201 -11.81 24.60 10.07
N ASP B 202 -12.47 25.27 9.13
CA ASP B 202 -11.74 26.16 8.23
C ASP B 202 -11.08 27.29 9.00
N ASP B 203 -11.68 27.72 10.10
CA ASP B 203 -11.14 28.75 10.98
C ASP B 203 -11.69 28.50 12.37
N PRO B 204 -11.04 29.03 13.41
CA PRO B 204 -11.53 28.79 14.78
C PRO B 204 -12.93 29.33 15.03
N ALA B 205 -13.38 30.32 14.25
CA ALA B 205 -14.73 30.85 14.43
C ALA B 205 -15.79 29.85 14.02
N GLN B 206 -15.49 29.00 13.02
CA GLN B 206 -16.44 27.98 12.60
C GLN B 206 -16.72 26.98 13.71
N ALA B 207 -15.70 26.68 14.54
CA ALA B 207 -15.90 25.75 15.64
C ALA B 207 -16.72 26.39 16.76
N GLN B 208 -16.43 27.66 17.07
CA GLN B 208 -17.23 28.36 18.08
C GLN B 208 -18.68 28.47 17.65
N THR B 209 -18.92 28.80 16.38
CA THR B 209 -20.29 28.88 15.87
C THR B 209 -20.98 27.52 15.93
N ALA B 210 -20.26 26.45 15.58
CA ALA B 210 -20.85 25.12 15.65
C ALA B 210 -21.17 24.73 17.09
N MET B 211 -20.33 25.15 18.04
CA MET B 211 -20.60 24.86 19.44
C MET B 211 -21.85 25.58 19.93
N ALA B 212 -21.99 26.86 19.57
CA ALA B 212 -23.17 27.61 19.98
C ALA B 212 -24.43 27.06 19.31
N GLU B 213 -24.32 26.63 18.05
CA GLU B 213 -25.48 26.07 17.36
C GLU B 213 -25.87 24.73 17.95
N MET B 214 -24.89 23.88 18.29
CA MET B 214 -25.19 22.59 18.89
C MET B 214 -25.80 22.76 20.27
N SER B 215 -25.27 23.70 21.06
CA SER B 215 -25.82 23.95 22.39
C SER B 215 -27.27 24.40 22.31
N GLY B 216 -27.58 25.30 21.38
CA GLY B 216 -28.96 25.73 21.19
C GLY B 216 -29.87 24.59 20.77
N TYR B 217 -29.41 23.75 19.86
CA TYR B 217 -30.25 22.64 19.40
C TYR B 217 -30.51 21.64 20.52
N LEU B 218 -29.45 21.22 21.22
CA LEU B 218 -29.61 20.22 22.28
C LEU B 218 -30.54 20.73 23.38
N SER B 219 -30.42 22.02 23.72
CA SER B 219 -31.35 22.60 24.70
C SER B 219 -32.79 22.54 24.20
N ARG B 220 -32.99 22.74 22.89
CA ARG B 220 -34.32 22.63 22.32
C ARG B 220 -34.81 21.19 22.32
N LEU B 221 -33.93 20.25 21.95
CA LEU B 221 -34.30 18.84 21.96
C LEU B 221 -34.59 18.36 23.38
N ILE B 222 -33.79 18.81 24.35
CA ILE B 222 -34.03 18.46 25.75
C ILE B 222 -35.42 18.89 26.18
N ASP B 223 -35.77 20.16 25.90
CA ASP B 223 -37.07 20.67 26.31
C ASP B 223 -38.21 19.96 25.60
N SER B 224 -37.98 19.48 24.38
CA SER B 224 -39.02 18.78 23.63
C SER B 224 -39.34 17.41 24.20
N LYS B 225 -38.50 16.88 25.08
CA LYS B 225 -38.81 15.62 25.76
C LYS B 225 -39.69 15.83 26.98
N ARG B 226 -39.74 17.06 27.51
CA ARG B 226 -40.43 17.33 28.77
C ARG B 226 -41.91 16.99 28.67
N GLY B 227 -42.36 16.07 29.52
CA GLY B 227 -43.75 15.69 29.58
C GLY B 227 -44.21 14.74 28.50
N GLN B 228 -43.31 14.23 27.67
CA GLN B 228 -43.68 13.36 26.56
C GLN B 228 -43.65 11.88 26.92
N ASP B 229 -43.17 11.52 28.11
CA ASP B 229 -43.09 10.14 28.57
C ASP B 229 -42.27 9.26 27.61
N GLY B 230 -41.33 9.86 26.90
CA GLY B 230 -40.44 9.07 26.06
C GLY B 230 -39.58 8.15 26.90
N GLU B 231 -39.15 7.06 26.29
CA GLU B 231 -38.35 6.05 26.98
C GLU B 231 -36.92 5.98 26.47
N ASP B 232 -36.50 6.93 25.66
CA ASP B 232 -35.11 6.99 25.23
C ASP B 232 -34.24 7.52 26.37
N LEU B 233 -32.92 7.45 26.16
CA LEU B 233 -31.97 7.82 27.22
C LEU B 233 -32.10 9.29 27.60
N LEU B 234 -32.22 10.17 26.59
CA LEU B 234 -32.37 11.60 26.90
C LEU B 234 -33.62 11.88 27.71
N SER B 235 -34.72 11.21 27.36
CA SER B 235 -35.97 11.40 28.11
C SER B 235 -35.81 11.00 29.56
N ALA B 236 -35.06 9.93 29.82
CA ALA B 236 -34.80 9.52 31.20
C ALA B 236 -33.90 10.53 31.90
N LEU B 237 -32.94 11.10 31.19
CA LEU B 237 -32.05 12.09 31.80
C LEU B 237 -32.79 13.38 32.10
N VAL B 238 -33.72 13.78 31.22
CA VAL B 238 -34.51 14.99 31.46
C VAL B 238 -35.33 14.84 32.74
N ARG B 239 -35.98 13.68 32.90
CA ARG B 239 -36.79 13.45 34.10
C ARG B 239 -35.91 13.40 35.35
N THR B 240 -34.72 12.80 35.24
CA THR B 240 -33.78 12.80 36.36
C THR B 240 -33.43 14.22 36.78
N SER B 241 -33.09 15.07 35.80
CA SER B 241 -32.74 16.45 36.10
C SER B 241 -33.94 17.21 36.68
N ASP B 242 -35.11 17.05 36.07
CA ASP B 242 -36.29 17.77 36.53
C ASP B 242 -36.71 17.32 37.93
N GLU B 243 -36.50 16.04 38.27
CA GLU B 243 -36.89 15.56 39.58
C GLU B 243 -35.98 16.10 40.69
N ASP B 244 -34.69 16.28 40.38
CA ASP B 244 -33.74 16.74 41.40
C ASP B 244 -32.59 17.42 40.65
N GLY B 245 -32.58 18.75 40.66
CA GLY B 245 -31.53 19.50 40.00
C GLY B 245 -30.15 19.32 40.62
N SER B 246 -30.09 18.83 41.86
CA SER B 246 -28.81 18.59 42.52
C SER B 246 -28.15 17.29 42.07
N ARG B 247 -28.92 16.37 41.50
CA ARG B 247 -28.34 15.13 40.97
C ARG B 247 -27.89 15.29 39.52
N LEU B 248 -28.55 16.15 38.76
CA LEU B 248 -28.17 16.44 37.38
C LEU B 248 -28.70 17.84 37.07
N THR B 249 -27.81 18.84 37.11
CA THR B 249 -28.23 20.19 36.80
C THR B 249 -28.59 20.31 35.31
N SER B 250 -29.26 21.42 34.97
CA SER B 250 -29.61 21.65 33.58
C SER B 250 -28.37 21.80 32.70
N GLU B 251 -27.32 22.44 33.23
CA GLU B 251 -26.06 22.50 32.52
C GLU B 251 -25.49 21.10 32.31
N GLU B 252 -25.47 20.29 33.37
CA GLU B 252 -24.97 18.92 33.26
C GLU B 252 -25.87 18.08 32.37
N LEU B 253 -27.18 18.31 32.40
CA LEU B 253 -28.08 17.64 31.47
C LEU B 253 -27.70 17.95 30.03
N LEU B 254 -27.46 19.22 29.74
CA LEU B 254 -26.99 19.61 28.41
C LEU B 254 -25.63 18.98 28.11
N GLY B 255 -24.71 19.05 29.08
CA GLY B 255 -23.39 18.49 28.88
C GLY B 255 -23.40 16.99 28.66
N MET B 256 -24.34 16.28 29.31
CA MET B 256 -24.39 14.83 29.16
C MET B 256 -24.86 14.42 27.77
N ALA B 257 -25.88 15.09 27.25
CA ALA B 257 -26.36 14.83 25.90
C ALA B 257 -25.24 15.10 24.90
C11 4AF B 258 -17.45 19.93 21.37
C8 4AF B 258 -17.57 19.24 22.74
O2 4AF B 258 -16.58 18.97 23.38
C7 4AF B 258 -18.95 18.88 23.30
C9 4AF B 258 -19.07 18.42 24.61
C10 4AF B 258 -20.34 18.11 25.12
C6 4AF B 258 -20.06 19.03 22.50
C5 4AF B 258 -21.33 18.71 23.01
C4 4AF B 258 -21.46 18.26 24.31
C3 4AF B 258 -22.87 17.91 24.89
CA 4AF B 258 -23.43 16.58 24.30
C 4AF B 258 -22.33 15.52 24.27
O 4AF B 258 -21.94 15.03 23.15
N 4AF B 258 -24.51 16.17 25.14
N ILE B 259 -21.81 15.14 25.43
CA ILE B 259 -20.66 14.25 25.49
C ILE B 259 -21.01 12.84 24.99
N LEU B 260 -22.23 12.37 25.29
CA LEU B 260 -22.61 11.03 24.82
C LEU B 260 -22.77 10.99 23.31
N LEU B 261 -23.16 12.11 22.70
CA LEU B 261 -23.35 12.15 21.26
C LEU B 261 -22.04 12.40 20.52
N VAL B 262 -21.18 13.25 21.08
CA VAL B 262 -19.98 13.69 20.37
C VAL B 262 -18.79 12.76 20.62
N ALA B 263 -18.61 12.28 21.86
CA ALA B 263 -17.39 11.56 22.20
C ALA B 263 -17.23 10.29 21.38
N GLY B 264 -18.33 9.65 21.02
CA GLY B 264 -18.28 8.41 20.26
C GLY B 264 -18.48 8.53 18.77
N HIS B 265 -18.65 9.74 18.25
CA HIS B 265 -18.94 9.90 16.83
C HIS B 265 -17.66 9.78 15.99
N GLU B 266 -16.80 10.81 16.04
CA GLU B 266 -15.58 10.78 15.24
C GLU B 266 -14.72 9.57 15.57
N THR B 267 -14.76 9.11 16.82
CA THR B 267 -13.97 7.94 17.20
C THR B 267 -14.46 6.69 16.50
N THR B 268 -15.75 6.38 16.63
CA THR B 268 -16.28 5.16 16.01
C THR B 268 -16.23 5.25 14.49
N VAL B 269 -16.47 6.43 13.94
CA VAL B 269 -16.40 6.61 12.48
C VAL B 269 -15.01 6.27 11.97
N ASN B 270 -13.99 6.80 12.64
CA ASN B 270 -12.63 6.63 12.16
C ASN B 270 -12.01 5.31 12.58
N LEU B 271 -12.54 4.64 13.62
CA LEU B 271 -12.11 3.28 13.89
C LEU B 271 -12.48 2.36 12.73
N ILE B 272 -13.72 2.49 12.23
CA ILE B 272 -14.16 1.68 11.10
C ILE B 272 -13.34 2.00 9.86
N ALA B 273 -13.12 3.30 9.61
CA ALA B 273 -12.40 3.71 8.40
C ALA B 273 -10.91 3.37 8.51
N ASN B 274 -10.26 3.79 9.60
CA ASN B 274 -8.85 3.47 9.78
C ASN B 274 -8.63 1.96 9.79
N GLY B 275 -9.48 1.22 10.52
CA GLY B 275 -9.31 -0.21 10.60
C GLY B 275 -9.48 -0.91 9.26
N MET B 276 -10.51 -0.52 8.51
CA MET B 276 -10.69 -1.07 7.17
C MET B 276 -9.52 -0.70 6.27
N TYR B 277 -9.01 0.52 6.39
CA TYR B 277 -7.85 0.92 5.61
C TYR B 277 -6.64 0.05 5.96
N ALA B 278 -6.42 -0.17 7.26
CA ALA B 278 -5.30 -1.02 7.68
C ALA B 278 -5.46 -2.43 7.14
N LEU B 279 -6.67 -2.99 7.22
CA LEU B 279 -6.92 -4.32 6.69
C LEU B 279 -6.68 -4.39 5.19
N LEU B 280 -7.16 -3.38 4.45
CA LEU B 280 -7.08 -3.41 3.01
C LEU B 280 -5.70 -3.08 2.47
N SER B 281 -4.84 -2.45 3.27
CA SER B 281 -3.47 -2.16 2.88
C SER B 281 -2.50 -3.20 3.42
N HIS B 282 -2.99 -4.27 4.02
CA HIS B 282 -2.17 -5.38 4.50
C HIS B 282 -2.82 -6.67 3.99
N PRO B 283 -2.60 -7.01 2.71
CA PRO B 283 -3.34 -8.15 2.12
C PRO B 283 -3.10 -9.47 2.81
N ASP B 284 -1.92 -9.68 3.40
CA ASP B 284 -1.69 -10.91 4.13
C ASP B 284 -2.63 -11.03 5.33
N GLN B 285 -2.95 -9.90 5.97
CA GLN B 285 -3.85 -9.91 7.11
C GLN B 285 -5.31 -10.04 6.66
N LEU B 286 -5.67 -9.37 5.57
CA LEU B 286 -7.01 -9.53 5.01
C LEU B 286 -7.27 -10.97 4.63
N ALA B 287 -6.28 -11.64 4.05
CA ALA B 287 -6.42 -13.04 3.68
C ALA B 287 -6.60 -13.92 4.91
N ALA B 288 -5.85 -13.65 5.98
CA ALA B 288 -5.97 -14.44 7.19
C ALA B 288 -7.34 -14.30 7.83
N LEU B 289 -7.90 -13.08 7.80
CA LEU B 289 -9.21 -12.86 8.41
C LEU B 289 -10.32 -13.47 7.58
N ARG B 290 -10.26 -13.32 6.25
CA ARG B 290 -11.27 -13.91 5.39
C ARG B 290 -11.25 -15.43 5.48
N ALA B 291 -10.07 -16.02 5.65
CA ALA B 291 -9.96 -17.47 5.76
C ALA B 291 -10.36 -18.01 7.12
N ASP B 292 -10.41 -17.15 8.15
CA ASP B 292 -10.75 -17.58 9.50
C ASP B 292 -11.38 -16.40 10.22
N MET B 293 -12.72 -16.30 10.14
CA MET B 293 -13.43 -15.17 10.71
C MET B 293 -13.52 -15.22 12.23
N THR B 294 -13.07 -16.30 12.87
CA THR B 294 -12.99 -16.30 14.32
C THR B 294 -11.85 -15.42 14.83
N LEU B 295 -11.00 -14.90 13.93
CA LEU B 295 -9.99 -13.92 14.27
C LEU B 295 -10.52 -12.49 14.24
N LEU B 296 -11.84 -12.32 14.09
CA LEU B 296 -12.41 -11.00 13.90
C LEU B 296 -12.17 -10.11 15.12
N ASP B 297 -12.48 -10.60 16.31
CA ASP B 297 -12.35 -9.79 17.52
C ASP B 297 -10.91 -9.33 17.72
N GLY B 298 -9.95 -10.25 17.56
CA GLY B 298 -8.56 -9.87 17.65
C GLY B 298 -8.14 -8.90 16.57
N ALA B 299 -8.76 -8.99 15.39
CA ALA B 299 -8.47 -8.05 14.32
C ALA B 299 -8.92 -6.64 14.69
N VAL B 300 -10.10 -6.51 15.30
CA VAL B 300 -10.59 -5.19 15.69
C VAL B 300 -9.70 -4.59 16.78
N GLU B 301 -9.24 -5.41 17.72
CA GLU B 301 -8.34 -4.91 18.76
C GLU B 301 -7.04 -4.41 18.15
N GLU B 302 -6.50 -5.13 17.17
CA GLU B 302 -5.26 -4.67 16.54
C GLU B 302 -5.50 -3.43 15.68
N MET B 303 -6.71 -3.27 15.13
CA MET B 303 -7.07 -2.02 14.49
C MET B 303 -6.99 -0.87 15.48
N LEU B 304 -7.52 -1.08 16.70
CA LEU B 304 -7.42 -0.06 17.74
C LEU B 304 -5.97 0.21 18.11
N ARG B 305 -5.16 -0.85 18.23
CA ARG B 305 -3.75 -0.68 18.56
C ARG B 305 -2.99 0.00 17.43
N TYR B 306 -3.12 -0.52 16.21
CA TYR B 306 -2.26 -0.08 15.12
C TYR B 306 -2.65 1.30 14.60
N GLU B 307 -3.95 1.54 14.42
CA GLU B 307 -4.43 2.82 13.88
C GLU B 307 -5.74 3.22 14.54
N GLY B 308 -5.72 3.35 15.86
CA GLY B 308 -6.86 3.85 16.58
C GLY B 308 -7.17 5.29 16.22
N PRO B 309 -8.44 5.68 16.35
CA PRO B 309 -8.81 7.06 15.95
C PRO B 309 -8.28 8.13 16.91
N VAL B 310 -8.05 7.80 18.18
CA VAL B 310 -7.59 8.78 19.15
C VAL B 310 -6.06 8.78 19.11
N GLU B 311 -5.49 9.75 18.39
CA GLU B 311 -4.04 9.89 18.34
C GLU B 311 -3.50 10.43 19.67
N SER B 312 -4.17 11.42 20.23
CA SER B 312 -3.82 12.00 21.52
C SER B 312 -5.07 12.15 22.36
N ALA B 313 -4.94 11.88 23.66
CA ALA B 313 -6.08 11.97 24.56
C ALA B 313 -6.48 13.42 24.79
N THR B 314 -7.67 13.60 25.38
CA THR B 314 -8.19 14.95 25.57
C THR B 314 -7.43 15.68 26.67
N TYR B 315 -7.73 16.97 26.81
CA TYR B 315 -6.89 17.87 27.58
C TYR B 315 -6.76 17.44 29.03
N ARG B 316 -5.53 17.47 29.55
CA ARG B 316 -5.26 17.26 30.96
C ARG B 316 -4.43 18.42 31.49
N PHE B 317 -4.66 18.77 32.75
CA PHE B 317 -4.01 19.92 33.38
C PHE B 317 -3.44 19.51 34.73
N PRO B 318 -2.14 19.65 34.95
CA PRO B 318 -1.59 19.38 36.29
C PRO B 318 -2.15 20.38 37.30
N VAL B 319 -2.76 19.84 38.35
CA VAL B 319 -3.28 20.69 39.43
C VAL B 319 -2.14 21.48 40.06
N GLU B 320 -1.02 20.82 40.30
CA GLU B 320 0.21 21.40 40.80
C GLU B 320 1.33 20.95 39.88
N PRO B 321 2.50 21.60 39.94
CA PRO B 321 3.60 21.19 39.05
C PRO B 321 3.90 19.71 39.19
N VAL B 322 4.22 19.07 38.06
CA VAL B 322 4.48 17.64 38.00
C VAL B 322 5.86 17.44 37.41
N ASP B 323 6.75 16.80 38.17
CA ASP B 323 8.09 16.47 37.72
C ASP B 323 8.04 15.10 37.05
N LEU B 324 8.15 15.07 35.72
CA LEU B 324 8.21 13.83 34.95
C LEU B 324 9.66 13.57 34.57
N ASP B 325 10.37 12.83 35.44
CA ASP B 325 11.75 12.42 35.20
C ASP B 325 12.63 13.61 34.82
N GLY B 326 12.61 14.64 35.65
CA GLY B 326 13.42 15.83 35.44
C GLY B 326 12.72 16.93 34.65
N THR B 327 11.76 16.58 33.80
CA THR B 327 10.99 17.59 33.08
C THR B 327 9.85 18.07 33.96
N VAL B 328 9.86 19.36 34.28
CA VAL B 328 8.83 19.97 35.12
C VAL B 328 7.73 20.51 34.21
N ILE B 329 6.51 20.02 34.40
CA ILE B 329 5.33 20.50 33.68
C ILE B 329 4.59 21.46 34.61
N PRO B 330 4.52 22.75 34.30
CA PRO B 330 3.91 23.71 35.23
C PRO B 330 2.43 23.47 35.41
N ALA B 331 1.94 23.93 36.56
CA ALA B 331 0.53 23.82 36.88
C ALA B 331 -0.32 24.58 35.86
N GLY B 332 -1.45 23.98 35.48
CA GLY B 332 -2.39 24.63 34.59
C GLY B 332 -2.09 24.50 33.11
N ASP B 333 -0.93 23.96 32.73
CA ASP B 333 -0.64 23.79 31.32
C ASP B 333 -1.47 22.66 30.73
N THR B 334 -1.55 22.64 29.40
CA THR B 334 -2.33 21.65 28.68
C THR B 334 -1.44 20.48 28.29
N VAL B 335 -1.88 19.26 28.62
CA VAL B 335 -1.09 18.04 28.43
C VAL B 335 -1.87 17.08 27.54
N LEU B 336 -1.23 16.61 26.47
CA LEU B 336 -1.80 15.62 25.56
C LEU B 336 -1.04 14.32 25.70
N VAL B 337 -1.74 13.26 26.09
CA VAL B 337 -1.16 11.93 26.13
C VAL B 337 -1.25 11.30 24.74
N VAL B 338 -0.09 11.03 24.13
CA VAL B 338 -0.03 10.60 22.73
C VAL B 338 -0.19 9.08 22.72
N LEU B 339 -1.44 8.63 22.61
CA LEU B 339 -1.72 7.19 22.55
C LEU B 339 -1.06 6.53 21.35
N ALA B 340 -0.96 7.25 20.23
CA ALA B 340 -0.36 6.67 19.03
C ALA B 340 1.09 6.28 19.26
N ASP B 341 1.85 7.11 19.98
CA ASP B 341 3.24 6.76 20.28
C ASP B 341 3.29 5.63 21.30
N ALA B 342 2.36 5.61 22.25
CA ALA B 342 2.30 4.52 23.22
C ALA B 342 2.12 3.18 22.51
N HIS B 343 1.33 3.17 21.43
CA HIS B 343 1.07 1.93 20.70
C HIS B 343 2.21 1.53 19.79
N ARG B 344 3.21 2.38 19.59
CA ARG B 344 4.39 2.04 18.80
C ARG B 344 5.63 1.85 19.64
N THR B 345 5.48 1.80 20.96
CA THR B 345 6.60 1.52 21.85
C THR B 345 7.00 0.06 21.70
N PRO B 346 8.21 -0.24 21.20
CA PRO B 346 8.53 -1.65 20.88
C PRO B 346 8.65 -2.53 22.10
N GLU B 347 9.06 -1.97 23.24
CA GLU B 347 9.18 -2.76 24.47
C GLU B 347 7.83 -3.33 24.90
N ARG B 348 6.74 -2.64 24.56
CA ARG B 348 5.40 -3.08 24.92
C ARG B 348 4.67 -3.78 23.80
N PHE B 349 4.87 -3.36 22.56
CA PHE B 349 4.27 -3.98 21.38
C PHE B 349 5.40 -4.34 20.42
N PRO B 350 5.91 -5.56 20.47
CA PRO B 350 7.07 -5.92 19.65
C PRO B 350 6.75 -5.85 18.16
N ASP B 351 7.71 -5.35 17.38
CA ASP B 351 7.52 -5.08 15.97
C ASP B 351 6.31 -4.17 15.82
N PRO B 352 6.37 -2.94 16.35
CA PRO B 352 5.15 -2.17 16.53
C PRO B 352 4.52 -1.68 15.23
N HIS B 353 5.31 -1.48 14.19
CA HIS B 353 4.78 -0.98 12.92
C HIS B 353 4.17 -2.08 12.07
N ARG B 354 4.14 -3.32 12.55
CA ARG B 354 3.53 -4.42 11.81
C ARG B 354 2.06 -4.56 12.23
N PHE B 355 1.18 -4.57 11.23
CA PHE B 355 -0.23 -4.85 11.45
C PHE B 355 -0.41 -6.36 11.52
N ASP B 356 -0.69 -6.88 12.72
CA ASP B 356 -0.77 -8.31 12.96
C ASP B 356 -2.02 -8.57 13.81
N ILE B 357 -3.06 -9.13 13.19
CA ILE B 357 -4.31 -9.34 13.91
C ILE B 357 -4.23 -10.47 14.92
N ARG B 358 -3.19 -11.28 14.88
CA ARG B 358 -2.97 -12.34 15.87
C ARG B 358 -2.04 -11.90 16.98
N ARG B 359 -1.57 -10.66 16.96
CA ARG B 359 -0.68 -10.13 17.98
C ARG B 359 -1.40 -10.01 19.33
N ASP B 360 -0.63 -10.12 20.41
CA ASP B 360 -1.14 -9.83 21.75
C ASP B 360 -1.42 -8.34 21.85
N THR B 361 -2.70 -7.96 21.91
CA THR B 361 -3.11 -6.57 21.95
C THR B 361 -3.46 -6.09 23.35
N ALA B 362 -3.34 -6.95 24.36
CA ALA B 362 -3.77 -6.60 25.71
C ALA B 362 -2.97 -5.41 26.23
N GLY B 363 -3.67 -4.47 26.84
CA GLY B 363 -3.05 -3.29 27.41
C GLY B 363 -2.97 -2.10 26.49
N HIS B 364 -3.64 -2.12 25.34
CA HIS B 364 -3.65 -0.94 24.50
C HIS B 364 -4.50 0.15 25.12
N LEU B 365 -4.21 1.39 24.76
CA LEU B 365 -4.84 2.57 25.37
C LEU B 365 -5.83 3.25 24.44
N ALA B 366 -6.30 2.55 23.41
CA ALA B 366 -7.19 3.18 22.43
C ALA B 366 -8.48 3.67 23.07
N PHE B 367 -8.95 3.00 24.12
CA PHE B 367 -10.13 3.44 24.87
C PHE B 367 -9.75 4.22 26.12
N GLY B 368 -8.49 4.56 26.28
CA GLY B 368 -8.04 5.26 27.47
C GLY B 368 -7.66 4.30 28.58
N HIS B 369 -7.54 4.86 29.79
CA HIS B 369 -7.19 4.10 30.97
C HIS B 369 -7.46 4.95 32.20
N GLY B 370 -8.01 4.32 33.23
CA GLY B 370 -8.35 5.02 34.45
C GLY B 370 -9.84 5.27 34.59
N ILE B 371 -10.16 6.27 35.41
CA ILE B 371 -11.56 6.57 35.69
C ILE B 371 -12.30 7.08 34.46
N HIS B 372 -11.58 7.62 33.47
CA HIS B 372 -12.19 8.12 32.25
C HIS B 372 -12.18 7.11 31.11
N PHE B 373 -11.85 5.85 31.40
CA PHE B 373 -11.87 4.80 30.38
C PHE B 373 -13.20 4.80 29.65
N CYS B 374 -13.14 4.67 28.32
CA CYS B 374 -14.29 4.90 27.45
C CYS B 374 -15.51 4.11 27.91
N ILE B 375 -16.57 4.85 28.25
CA ILE B 375 -17.82 4.22 28.67
C ILE B 375 -18.50 3.50 27.51
N GLY B 376 -18.20 3.89 26.27
CA GLY B 376 -18.79 3.28 25.10
C GLY B 376 -18.00 2.15 24.47
N ALA B 377 -16.99 1.62 25.17
CA ALA B 377 -16.15 0.58 24.57
C ALA B 377 -16.94 -0.66 24.16
N PRO B 378 -17.86 -1.21 24.97
CA PRO B 378 -18.65 -2.34 24.47
C PRO B 378 -19.47 -1.99 23.23
N LEU B 379 -20.07 -0.81 23.20
CA LEU B 379 -20.85 -0.39 22.03
C LEU B 379 -19.96 -0.22 20.81
N ALA B 380 -18.83 0.46 20.97
CA ALA B 380 -17.93 0.69 19.85
C ALA B 380 -17.42 -0.63 19.27
N ARG B 381 -17.06 -1.59 20.13
CA ARG B 381 -16.60 -2.88 19.65
C ARG B 381 -17.71 -3.63 18.92
N LEU B 382 -18.94 -3.52 19.40
CA LEU B 382 -20.06 -4.17 18.75
C LEU B 382 -20.25 -3.63 17.33
N GLU B 383 -20.24 -2.30 17.19
CA GLU B 383 -20.44 -1.69 15.87
C GLU B 383 -19.30 -2.04 14.92
N ALA B 384 -18.06 -1.98 15.39
CA ALA B 384 -16.93 -2.28 14.52
C ALA B 384 -16.93 -3.74 14.09
N ARG B 385 -17.11 -4.66 15.06
CA ARG B 385 -17.11 -6.08 14.76
C ARG B 385 -18.15 -6.42 13.69
N ILE B 386 -19.37 -5.90 13.86
CA ILE B 386 -20.43 -6.20 12.89
C ILE B 386 -20.13 -5.55 11.55
N ALA B 387 -19.55 -4.36 11.56
CA ALA B 387 -19.27 -3.66 10.31
C ALA B 387 -18.18 -4.36 9.52
N VAL B 388 -17.07 -4.72 10.17
CA VAL B 388 -15.96 -5.36 9.48
C VAL B 388 -16.39 -6.72 8.93
N ARG B 389 -17.11 -7.51 9.73
CA ARG B 389 -17.56 -8.81 9.28
C ARG B 389 -18.48 -8.69 8.06
N ALA B 390 -19.38 -7.70 8.07
CA ALA B 390 -20.30 -7.52 6.96
C ALA B 390 -19.55 -7.19 5.68
N LEU B 391 -18.61 -6.25 5.76
CA LEU B 391 -17.87 -5.84 4.57
C LEU B 391 -17.08 -6.99 3.97
N LEU B 392 -16.44 -7.81 4.82
CA LEU B 392 -15.62 -8.89 4.31
C LEU B 392 -16.46 -10.00 3.71
N GLU B 393 -17.63 -10.26 4.28
CA GLU B 393 -18.46 -11.38 3.84
C GLU B 393 -19.31 -11.05 2.61
N ARG B 394 -19.60 -9.78 2.37
CA ARG B 394 -20.51 -9.40 1.30
C ARG B 394 -19.83 -8.66 0.15
N CYS B 395 -18.57 -8.28 0.30
CA CYS B 395 -17.77 -7.72 -0.78
C CYS B 395 -16.67 -8.73 -1.12
N PRO B 396 -16.90 -9.63 -2.09
CA PRO B 396 -15.97 -10.76 -2.27
C PRO B 396 -14.53 -10.37 -2.54
N ASP B 397 -14.29 -9.42 -3.44
CA ASP B 397 -12.93 -9.02 -3.75
C ASP B 397 -12.66 -7.59 -3.29
N LEU B 398 -13.02 -7.30 -2.04
CA LEU B 398 -12.87 -5.95 -1.51
C LEU B 398 -11.43 -5.49 -1.60
N ALA B 399 -11.24 -4.25 -2.07
CA ALA B 399 -9.92 -3.68 -2.21
C ALA B 399 -10.04 -2.16 -2.19
N LEU B 400 -8.91 -1.50 -1.95
CA LEU B 400 -8.88 -0.05 -1.99
C LEU B 400 -8.98 0.44 -3.43
N ASP B 401 -9.69 1.55 -3.61
CA ASP B 401 -9.82 2.19 -4.92
C ASP B 401 -9.14 3.56 -4.90
N VAL B 402 -7.94 3.63 -4.33
CA VAL B 402 -7.26 4.89 -4.11
C VAL B 402 -5.79 4.61 -3.86
N SER B 403 -4.95 5.59 -4.17
CA SER B 403 -3.52 5.57 -3.87
C SER B 403 -3.28 6.17 -2.49
N PRO B 404 -2.36 5.59 -1.71
CA PRO B 404 -1.99 6.20 -0.42
C PRO B 404 -1.54 7.64 -0.56
N GLY B 405 -1.12 8.03 -1.78
CA GLY B 405 -0.81 9.41 -2.05
C GLY B 405 -2.01 10.30 -2.22
N GLU B 406 -3.17 9.73 -2.56
CA GLU B 406 -4.40 10.50 -2.66
C GLU B 406 -5.13 10.62 -1.34
N LEU B 407 -4.87 9.72 -0.39
CA LEU B 407 -5.55 9.77 0.89
C LEU B 407 -5.13 11.00 1.67
N VAL B 408 -6.11 11.70 2.25
CA VAL B 408 -5.87 12.90 3.02
C VAL B 408 -6.19 12.61 4.48
N TRP B 409 -5.21 12.81 5.35
CA TRP B 409 -5.36 12.65 6.78
C TRP B 409 -5.62 14.00 7.43
N TYR B 410 -6.42 14.00 8.49
CA TYR B 410 -6.73 15.25 9.16
C TYR B 410 -5.61 15.64 10.12
N PRO B 411 -5.36 16.94 10.28
CA PRO B 411 -4.22 17.41 11.08
C PRO B 411 -4.50 17.62 12.56
N ASN B 412 -5.71 17.32 13.02
CA ASN B 412 -6.04 17.49 14.42
C ASN B 412 -5.12 16.63 15.28
N PRO B 413 -4.50 17.18 16.32
CA PRO B 413 -3.56 16.37 17.13
C PRO B 413 -4.23 15.24 17.86
N MET B 414 -5.53 15.35 18.12
CA MET B 414 -6.25 14.35 18.90
C MET B 414 -6.84 13.23 18.04
N ILE B 415 -7.24 13.53 16.81
CA ILE B 415 -7.97 12.58 15.98
C ILE B 415 -7.12 12.18 14.79
N ARG B 416 -6.99 10.87 14.59
CA ARG B 416 -6.41 10.30 13.38
C ARG B 416 -7.54 9.80 12.49
N GLY B 417 -7.66 10.37 11.31
CA GLY B 417 -8.77 10.03 10.45
C GLY B 417 -8.58 10.52 9.03
N LEU B 418 -9.31 9.89 8.11
CA LEU B 418 -9.25 10.18 6.69
C LEU B 418 -10.43 11.05 6.27
N LYS B 419 -10.23 11.81 5.19
CA LYS B 419 -11.35 12.54 4.61
C LYS B 419 -12.26 11.64 3.78
N ALA B 420 -11.69 10.64 3.10
CA ALA B 420 -12.46 9.71 2.31
C ALA B 420 -11.75 8.36 2.27
N LEU B 421 -12.52 7.31 2.02
CA LEU B 421 -11.99 5.96 1.87
C LEU B 421 -12.66 5.29 0.67
N PRO B 422 -12.14 5.54 -0.53
CA PRO B 422 -12.71 4.91 -1.73
C PRO B 422 -12.34 3.44 -1.80
N ILE B 423 -13.34 2.60 -2.06
CA ILE B 423 -13.15 1.15 -2.13
C ILE B 423 -13.82 0.63 -3.39
N ARG B 424 -13.47 -0.61 -3.74
CA ARG B 424 -14.03 -1.27 -4.91
C ARG B 424 -14.22 -2.75 -4.60
N TRP B 425 -15.18 -3.38 -5.28
CA TRP B 425 -15.45 -4.80 -5.08
C TRP B 425 -15.95 -5.39 -6.40
N ARG B 426 -16.21 -6.69 -6.37
CA ARG B 426 -16.70 -7.41 -7.55
C ARG B 426 -18.22 -7.34 -7.64
CHA HEM C . 13.12 -10.24 -26.76
CHB HEM C . 10.41 -10.02 -22.81
CHC HEM C . 12.38 -14.11 -21.28
CHD HEM C . 15.60 -13.88 -24.83
C1A HEM C . 12.18 -9.82 -25.85
C2A HEM C . 11.33 -8.63 -25.98
C3A HEM C . 10.57 -8.59 -24.89
C4A HEM C . 10.95 -9.72 -24.05
CMA HEM C . 9.51 -7.57 -24.52
CAA HEM C . 11.30 -7.71 -27.16
CBA HEM C . 12.02 -6.39 -26.78
CGA HEM C . 11.90 -5.24 -27.75
O1A HEM C . 12.27 -4.11 -27.35
O2A HEM C . 11.20 -5.40 -28.77
C1B HEM C . 10.68 -11.10 -22.04
C2B HEM C . 10.02 -11.41 -20.80
C3B HEM C . 10.58 -12.58 -20.38
C4B HEM C . 11.57 -12.96 -21.34
CMB HEM C . 8.94 -10.57 -20.17
CAB HEM C . 10.34 -13.40 -19.16
CBB HEM C . 9.31 -13.38 -18.34
C1C HEM C . 13.48 -14.43 -22.06
C2C HEM C . 14.43 -15.51 -21.83
C3C HEM C . 15.34 -15.43 -22.85
C4C HEM C . 14.94 -14.31 -23.68
CMC HEM C . 14.37 -16.48 -20.68
CAC HEM C . 16.53 -16.27 -23.11
CBC HEM C . 16.61 -17.32 -23.94
C1D HEM C . 15.22 -12.87 -25.70
C2D HEM C . 15.91 -12.52 -26.92
C3D HEM C . 15.20 -11.49 -27.47
C4D HEM C . 14.09 -11.20 -26.58
CMD HEM C . 17.15 -13.17 -27.45
CAD HEM C . 15.51 -10.77 -28.72
CBD HEM C . 14.73 -11.54 -29.80
CGD HEM C . 14.87 -10.94 -31.14
O1D HEM C . 15.23 -9.72 -31.19
O2D HEM C . 14.34 -11.59 -32.08
NA HEM C . 11.93 -10.44 -24.68
NB HEM C . 11.61 -12.05 -22.35
NC HEM C . 13.83 -13.75 -23.18
ND HEM C . 14.13 -12.06 -25.54
FE HEM C . 12.86 -12.14 -24.00
CAD E4H D . 20.90 -4.98 -20.04
CAR E4H D . 19.63 -4.76 -20.85
CAL E4H D . 18.95 -3.48 -20.36
CAQ E4H D . 18.68 -3.52 -18.85
CAC E4H D . 18.05 -2.22 -18.39
CAN E4H D . 17.73 -4.67 -18.56
OAF E4H D . 17.99 -5.50 -17.74
CAI E4H D . 16.40 -4.73 -19.35
CAJ E4H D . 15.45 -5.26 -20.14
CAP E4H D . 14.75 -6.29 -21.01
CAB E4H D . 13.52 -5.60 -21.59
CAU E4H D . 15.69 -6.73 -22.12
CAK E4H D . 14.91 -7.22 -23.35
CAA E4H D . 14.32 -8.65 -23.17
OAM E4H D . 16.46 -5.62 -22.49
CAO E4H D . 17.81 -5.88 -22.86
OAG E4H D . 18.22 -6.99 -22.89
CAS E4H D . 18.72 -4.70 -23.22
CAE E4H D . 19.15 -4.83 -24.69
CAT E4H D . 19.98 -4.66 -22.34
OAH E4H D . 20.66 -3.44 -22.56
C1 GOL E . 22.67 -22.83 -37.95
O1 GOL E . 21.61 -22.59 -38.83
C2 GOL E . 23.42 -24.08 -38.40
O2 GOL E . 24.53 -24.30 -37.56
C3 GOL E . 22.49 -25.28 -38.37
O3 GOL E . 22.79 -26.09 -37.26
C1 PEG F . 25.88 -5.90 -41.16
O1 PEG F . 26.64 -5.69 -40.00
C2 PEG F . 25.98 -7.36 -41.58
O2 PEG F . 24.77 -7.76 -42.15
C3 PEG F . 24.81 -9.02 -42.74
C4 PEG F . 23.43 -9.40 -43.26
O4 PEG F . 23.07 -10.67 -42.77
C1 GOL G . 30.71 -23.56 -43.92
O1 GOL G . 29.45 -22.97 -44.08
C2 GOL G . 31.29 -23.86 -45.29
O2 GOL G . 31.16 -22.75 -46.13
C3 GOL G . 32.78 -24.22 -45.14
O3 GOL G . 33.40 -23.26 -44.32
C1 GOL H . 11.93 -3.38 -36.07
O1 GOL H . 10.67 -3.83 -35.61
C2 GOL H . 12.38 -4.28 -37.20
O2 GOL H . 12.13 -3.68 -38.44
C3 GOL H . 13.88 -4.57 -37.09
O3 GOL H . 14.47 -3.73 -36.13
C1 GOL I . 24.78 -2.44 -26.45
O1 GOL I . 24.47 -3.77 -26.74
C2 GOL I . 24.22 -2.07 -25.07
O2 GOL I . 25.14 -1.24 -24.40
C3 GOL I . 22.92 -1.30 -25.26
O3 GOL I . 23.05 -0.42 -26.33
C1 GOL J . -2.84 9.62 -36.44
O1 GOL J . -2.73 9.42 -35.06
C2 GOL J . -2.17 8.44 -37.10
O2 GOL J . -3.10 7.66 -37.78
C3 GOL J . -1.13 9.02 -38.04
O3 GOL J . -0.37 7.98 -38.58
CHA HEM K . -14.01 8.38 26.78
CHB HEM K . -12.09 6.42 22.85
CHC HEM K . -16.48 5.11 21.42
CHD HEM K . -18.39 7.82 24.88
C1A HEM K . -13.08 7.95 25.87
C2A HEM K . -11.63 8.10 25.99
C3A HEM K . -11.09 7.53 24.90
C4A HEM K . -12.21 7.06 24.09
CMA HEM K . -9.65 7.41 24.52
CAA HEM K . -10.92 8.72 27.15
CBA HEM K . -10.26 10.05 26.74
CGA HEM K . -9.28 10.67 27.71
O1A HEM K . -8.85 11.81 27.46
O2A HEM K . -9.02 10.05 28.78
C1B HEM K . -13.09 5.87 22.12
C2B HEM K . -12.90 5.13 20.89
C3B HEM K . -14.14 4.77 20.48
C4B HEM K . -15.08 5.27 21.46
CMB HEM K . -11.54 4.87 20.25
CAB HEM K . -14.61 3.99 19.30
CBB HEM K . -13.92 3.48 18.31
C1C HEM K . -17.43 5.76 22.18
C2C HEM K . -18.88 5.75 21.96
C3C HEM K . -19.42 6.52 22.95
C4C HEM K . -18.30 6.99 23.77
CMC HEM K . -19.58 5.02 20.84
CAC HEM K . -20.83 6.87 23.22
CBC HEM K . -21.60 6.47 24.23
C1D HEM K . -17.38 8.22 25.73
C2D HEM K . -17.57 9.01 26.93
C3D HEM K . -16.32 9.17 27.48
C4D HEM K . -15.38 8.49 26.60
CMD HEM K . -18.87 9.52 27.44
CAD HEM K . -15.99 9.92 28.71
CBD HEM K . -15.87 8.84 29.83
CGD HEM K . -15.52 9.44 31.11
O1D HEM K . -14.92 10.57 31.10
O2D HEM K . -15.67 8.70 32.13
NA HEM K . -13.39 7.31 24.71
NB HEM K . -14.42 5.94 22.43
NC HEM K . -17.14 6.51 23.27
ND HEM K . -16.05 7.93 25.57
FE HEM K . -15.28 6.88 24.07
CAD E4H L . -15.34 17.52 19.86
CAR E4H L . -14.33 16.75 20.68
CAL E4H L . -12.91 17.13 20.21
CAQ E4H L . -12.73 16.84 18.72
CAC E4H L . -11.27 17.07 18.33
CAN E4H L . -13.08 15.38 18.43
OAF E4H L . -14.00 15.10 17.74
CAI E4H L . -12.20 14.27 19.02
CAJ E4H L . -11.87 13.24 19.80
CAP E4H L . -12.01 12.18 20.89
CAB E4H L . -10.64 12.08 21.54
CAU E4H L . -13.05 12.59 21.91
CAK E4H L . -12.93 11.70 23.16
CAA E4H L . -13.26 10.21 22.90
OAM E4H L . -12.78 13.91 22.26
CAO E4H L . -13.89 14.70 22.63
OAG E4H L . -14.99 14.24 22.62
CAS E4H L . -13.68 16.16 23.05
CAE E4H L . -14.10 16.32 24.50
CAT E4H L . -14.50 17.09 22.16
OAH E4H L . -14.07 18.40 22.38
C1 PEG M . -20.16 21.23 40.81
O1 PEG M . -19.38 22.02 39.97
C2 PEG M . -19.41 19.94 41.13
O2 PEG M . -20.23 19.05 41.84
C3 PEG M . -19.57 18.32 42.83
C4 PEG M . -20.55 17.34 43.48
O4 PEG M . -20.65 16.20 42.68
C1 GOL N . -31.77 7.65 37.49
O1 GOL N . -32.16 8.98 37.67
C2 GOL N . -30.74 7.25 38.55
O2 GOL N . -30.90 5.91 38.88
C3 GOL N . -29.33 7.47 38.01
O3 GOL N . -28.43 7.48 39.07
C1 GOL O . -36.35 18.96 18.02
O1 GOL O . -36.16 17.91 17.07
C2 GOL O . -36.18 20.32 17.39
O2 GOL O . -35.76 21.27 18.37
C3 GOL O . -35.22 20.30 16.22
O3 GOL O . -34.87 21.62 15.80
C1 GOL P . -14.07 22.19 26.19
O1 GOL P . -13.39 21.92 24.99
C2 GOL P . -15.51 22.62 25.89
O2 GOL P . -16.37 22.10 26.88
C3 GOL P . -15.92 22.07 24.53
O3 GOL P . -15.70 20.69 24.54
#